data_4LB0
#
_entry.id   4LB0
#
_cell.length_a   178.014
_cell.length_b   178.014
_cell.length_c   49.735
_cell.angle_alpha   90.000
_cell.angle_beta   90.000
_cell.angle_gamma   90.000
#
_symmetry.space_group_name_H-M   'P 42 21 2'
#
loop_
_entity.id
_entity.type
_entity.pdbx_description
1 polymer 'Uncharacterized protein'
2 non-polymer 'ACETATE ION'
3 non-polymer 4-HYDROXYPROLINE
4 water water
#
_entity_poly.entity_id   1
_entity_poly.type   'polypeptide(L)'
_entity_poly.pdbx_seq_one_letter_code
;SMRWKRMMQLLDVHCEGEIGKVAIGGVPKIPGDTVADQLHWLNTDPKGRELRHFLVLEPRGAPIGSVNLLLPAKDSRADA
AFIILQPDQAHASSGSNSICVTTALLESGMIEMQEPETVVMLETAAGLVKAVAQCRDGHCDSVTLTMVPSFVHELDAQIA
TESWGEIRFDLAYGGVFYALVDVRQLGLTIEPGNARRLVEAGMLLKGEINQRIQVVHPDIPAISGVAYVMFRDEDPDGAV
RTCTTMWPGRVDRSPCGTGNSANLATLHARGRVKPGDSFLSRSIIGSQFTVGLQGLTTVAGRSAVIPTITGRGFTYGIHQ
VALDAFDPLGGGFVLTDVWGAAAETIKI
;
_entity_poly.pdbx_strand_id   A,B
#
loop_
_chem_comp.id
_chem_comp.type
_chem_comp.name
_chem_comp.formula
ACT non-polymer 'ACETATE ION' 'C2 H3 O2 -1'
#
# COMPACT_ATOMS: atom_id res chain seq x y z
N MET A 2 27.91 -9.05 -3.38
CA MET A 2 27.61 -7.58 -3.42
C MET A 2 26.21 -7.28 -3.96
N ARG A 3 25.36 -6.77 -3.07
CA ARG A 3 23.99 -6.39 -3.45
C ARG A 3 23.93 -4.89 -3.72
N TRP A 4 22.73 -4.43 -4.11
CA TRP A 4 22.53 -3.04 -4.51
C TRP A 4 23.50 -2.64 -5.62
N LYS A 5 23.85 -3.62 -6.43
CA LYS A 5 24.70 -3.40 -7.59
C LYS A 5 23.85 -2.95 -8.76
N ARG A 6 22.58 -3.36 -8.77
CA ARG A 6 21.70 -3.07 -9.87
C ARG A 6 20.38 -2.48 -9.34
N MET A 7 20.18 -1.18 -9.56
CA MET A 7 19.06 -0.45 -8.97
C MET A 7 18.13 0.00 -10.06
N MET A 8 16.83 -0.05 -9.81
CA MET A 8 15.86 0.63 -10.64
C MET A 8 15.45 1.94 -9.94
N GLN A 9 15.43 3.03 -10.70
CA GLN A 9 15.08 4.31 -10.13
C GLN A 9 13.69 4.69 -10.58
N LEU A 10 12.86 5.07 -9.63
CA LEU A 10 11.49 5.43 -9.93
C LEU A 10 11.16 6.79 -9.34
N LEU A 11 10.48 7.60 -10.12
CA LEU A 11 9.93 8.85 -9.61
C LEU A 11 8.53 8.57 -9.13
N ASP A 12 8.24 9.01 -7.91
CA ASP A 12 6.93 8.85 -7.35
C ASP A 12 6.07 10.03 -7.70
N VAL A 13 4.99 9.78 -8.45
CA VAL A 13 4.10 10.83 -8.90
C VAL A 13 2.67 10.40 -8.65
N HIS A 14 1.77 11.35 -8.38
CA HIS A 14 0.35 11.04 -8.38
C HIS A 14 -0.40 12.02 -9.26
N CYS A 15 -1.46 11.53 -9.89
CA CYS A 15 -2.31 12.38 -10.71
C CYS A 15 -3.70 12.34 -10.10
N GLU A 16 -4.09 13.48 -9.52
CA GLU A 16 -5.38 13.66 -8.86
C GLU A 16 -5.66 12.55 -7.83
N GLY A 17 -4.61 12.13 -7.13
CA GLY A 17 -4.71 11.13 -6.08
C GLY A 17 -4.26 9.73 -6.48
N GLU A 18 -4.08 9.49 -7.77
CA GLU A 18 -3.80 8.13 -8.30
C GLU A 18 -2.31 7.94 -8.59
N ILE A 19 -1.68 7.01 -7.87
CA ILE A 19 -0.22 6.88 -7.95
C ILE A 19 0.23 6.28 -9.25
N GLY A 20 1.23 6.91 -9.85
CA GLY A 20 1.89 6.42 -11.05
C GLY A 20 3.38 6.55 -10.87
N LYS A 21 4.01 5.52 -10.31
CA LYS A 21 5.46 5.50 -10.20
C LYS A 21 6.03 5.37 -11.60
N VAL A 22 7.08 6.12 -11.90
CA VAL A 22 7.64 6.11 -13.24
C VAL A 22 9.06 5.58 -13.16
N ALA A 23 9.26 4.40 -13.73
CA ALA A 23 10.56 3.75 -13.71
C ALA A 23 11.43 4.33 -14.82
N ILE A 24 12.49 5.01 -14.42
CA ILE A 24 13.28 5.81 -15.36
C ILE A 24 14.69 5.28 -15.64
N GLY A 25 15.22 4.50 -14.72
CA GLY A 25 16.54 3.92 -14.90
C GLY A 25 16.52 2.50 -14.41
N GLY A 26 17.29 1.63 -15.07
CA GLY A 26 17.38 0.23 -14.69
C GLY A 26 16.23 -0.63 -15.18
N VAL A 27 15.40 -0.11 -16.08
CA VAL A 27 14.37 -0.95 -16.66
C VAL A 27 15.01 -1.93 -17.62
N PRO A 28 14.70 -3.22 -17.43
CA PRO A 28 15.29 -4.21 -18.32
C PRO A 28 14.72 -4.11 -19.72
N LYS A 29 15.41 -4.75 -20.65
CA LYS A 29 14.98 -4.79 -22.02
C LYS A 29 13.79 -5.69 -22.12
N ILE A 30 12.71 -5.19 -22.71
CA ILE A 30 11.51 -5.99 -22.89
C ILE A 30 11.41 -6.44 -24.34
N PRO A 31 11.43 -7.77 -24.56
CA PRO A 31 11.39 -8.29 -25.92
C PRO A 31 10.16 -7.84 -26.69
N GLY A 32 10.35 -7.60 -27.98
CA GLY A 32 9.26 -7.20 -28.86
C GLY A 32 9.69 -6.17 -29.86
N ASP A 33 9.22 -6.31 -31.09
CA ASP A 33 9.60 -5.40 -32.16
C ASP A 33 8.77 -4.11 -32.16
N THR A 34 7.56 -4.18 -31.59
CA THR A 34 6.71 -3.01 -31.39
C THR A 34 6.29 -2.97 -29.92
N VAL A 35 5.83 -1.80 -29.48
CA VAL A 35 5.43 -1.67 -28.08
C VAL A 35 4.26 -2.61 -27.81
N ALA A 36 3.38 -2.80 -28.78
CA ALA A 36 2.30 -3.78 -28.63
C ALA A 36 2.85 -5.19 -28.41
N ASP A 37 3.89 -5.56 -29.13
CA ASP A 37 4.55 -6.87 -28.90
C ASP A 37 5.15 -6.94 -27.50
N GLN A 38 5.72 -5.83 -27.04
CA GLN A 38 6.23 -5.77 -25.67
C GLN A 38 5.12 -5.96 -24.65
N LEU A 39 3.96 -5.35 -24.91
CA LEU A 39 2.82 -5.55 -24.02
C LEU A 39 2.44 -7.03 -24.00
N HIS A 40 2.37 -7.64 -25.18
CA HIS A 40 1.96 -9.03 -25.27
C HIS A 40 2.92 -9.92 -24.49
N TRP A 41 4.20 -9.66 -24.65
CA TRP A 41 5.23 -10.45 -23.99
C TRP A 41 5.10 -10.32 -22.47
N LEU A 42 4.92 -9.09 -22.00
CA LEU A 42 4.73 -8.89 -20.57
C LEU A 42 3.55 -9.72 -20.02
N ASN A 43 2.50 -9.86 -20.84
CA ASN A 43 1.27 -10.52 -20.40
C ASN A 43 1.23 -12.02 -20.68
N THR A 44 2.22 -12.54 -21.38
CA THR A 44 2.19 -13.95 -21.72
C THR A 44 3.45 -14.70 -21.33
N ASP A 45 4.60 -14.05 -21.33
CA ASP A 45 5.84 -14.73 -20.94
C ASP A 45 6.06 -14.78 -19.43
N PRO A 46 6.46 -15.96 -18.91
CA PRO A 46 6.63 -16.09 -17.46
C PRO A 46 7.63 -15.09 -16.90
N LYS A 47 8.63 -14.71 -17.70
CA LYS A 47 9.60 -13.73 -17.25
C LYS A 47 8.97 -12.33 -17.13
N GLY A 48 7.99 -12.02 -17.96
CA GLY A 48 7.29 -10.75 -17.83
C GLY A 48 6.40 -10.71 -16.60
N ARG A 49 5.76 -11.83 -16.30
CA ARG A 49 4.97 -11.94 -15.10
C ARG A 49 5.86 -11.77 -13.89
N GLU A 50 7.00 -12.44 -13.89
CA GLU A 50 7.93 -12.35 -12.78
C GLU A 50 8.40 -10.90 -12.55
N LEU A 51 8.71 -10.21 -13.64
CA LEU A 51 9.16 -8.83 -13.54
C LEU A 51 8.06 -7.95 -12.94
N ARG A 52 6.84 -8.09 -13.48
CA ARG A 52 5.71 -7.33 -12.97
C ARG A 52 5.43 -7.63 -11.48
N HIS A 53 5.47 -8.90 -11.11
CA HIS A 53 5.16 -9.26 -9.72
C HIS A 53 6.20 -8.71 -8.75
N PHE A 54 7.45 -8.70 -9.18
CA PHE A 54 8.52 -8.19 -8.35
C PHE A 54 8.26 -6.73 -8.02
N LEU A 55 7.77 -6.00 -9.01
CA LEU A 55 7.61 -4.57 -8.88
C LEU A 55 6.28 -4.14 -8.24
N VAL A 56 5.23 -4.94 -8.37
CA VAL A 56 3.90 -4.49 -7.96
C VAL A 56 3.29 -5.24 -6.77
N LEU A 57 3.86 -6.39 -6.37
CA LEU A 57 3.33 -7.12 -5.23
C LEU A 57 4.23 -6.87 -4.02
N GLU A 58 3.80 -7.37 -2.87
CA GLU A 58 4.57 -7.15 -1.65
C GLU A 58 5.90 -7.86 -1.72
N PRO A 59 6.93 -7.28 -1.08
CA PRO A 59 6.92 -6.05 -0.27
C PRO A 59 7.18 -4.74 -1.04
N ARG A 60 7.56 -4.80 -2.32
CA ARG A 60 7.88 -3.60 -3.07
C ARG A 60 6.68 -2.80 -3.50
N GLY A 61 5.55 -3.47 -3.67
CA GLY A 61 4.36 -2.85 -4.18
C GLY A 61 3.22 -2.94 -3.18
N ALA A 62 2.18 -2.16 -3.42
CA ALA A 62 1.03 -2.10 -2.55
C ALA A 62 -0.22 -2.13 -3.40
N PRO A 63 -1.39 -2.30 -2.77
CA PRO A 63 -2.61 -2.46 -3.56
C PRO A 63 -2.94 -1.22 -4.42
N ILE A 64 -2.41 -0.07 -4.04
CA ILE A 64 -2.74 1.16 -4.77
C ILE A 64 -1.52 1.61 -5.57
N GLY A 65 -1.77 2.11 -6.78
CA GLY A 65 -0.71 2.61 -7.63
C GLY A 65 -0.30 1.68 -8.74
N SER A 66 0.29 2.26 -9.77
CA SER A 66 0.78 1.56 -10.92
C SER A 66 2.28 1.80 -10.99
N VAL A 67 2.98 0.89 -11.66
CA VAL A 67 4.35 1.13 -12.05
C VAL A 67 4.44 1.30 -13.57
N ASN A 68 4.86 2.47 -14.01
CA ASN A 68 5.01 2.74 -15.44
C ASN A 68 6.42 2.48 -15.86
N LEU A 69 6.60 1.50 -16.74
CA LEU A 69 7.92 1.27 -17.30
C LEU A 69 8.17 2.21 -18.47
N LEU A 70 9.15 3.09 -18.33
CA LEU A 70 9.61 3.91 -19.44
C LEU A 70 10.49 3.06 -20.34
N LEU A 71 10.15 3.02 -21.62
CA LEU A 71 10.83 2.17 -22.59
C LEU A 71 11.24 3.03 -23.77
N PRO A 72 12.17 2.51 -24.58
CA PRO A 72 12.60 3.32 -25.72
C PRO A 72 11.47 3.49 -26.72
N ALA A 73 11.36 4.68 -27.32
CA ALA A 73 10.36 4.88 -28.35
C ALA A 73 10.76 4.02 -29.52
N LYS A 74 9.78 3.36 -30.14
CA LYS A 74 10.02 2.64 -31.38
C LYS A 74 9.57 3.48 -32.57
N ASP A 75 8.57 4.32 -32.35
CA ASP A 75 8.08 5.28 -33.35
C ASP A 75 8.90 6.56 -33.29
N SER A 76 9.39 7.01 -34.44
CA SER A 76 10.29 8.16 -34.50
C SER A 76 9.61 9.46 -34.08
N ARG A 77 8.29 9.46 -34.10
CA ARG A 77 7.54 10.63 -33.68
C ARG A 77 7.44 10.73 -32.16
N ALA A 78 7.77 9.66 -31.45
CA ALA A 78 7.57 9.63 -30.01
C ALA A 78 8.83 10.03 -29.22
N ASP A 79 8.64 10.71 -28.10
CA ASP A 79 9.76 11.06 -27.24
C ASP A 79 10.16 9.91 -26.31
N ALA A 80 9.19 9.05 -26.01
CA ALA A 80 9.40 7.89 -25.15
C ALA A 80 8.19 6.95 -25.26
N ALA A 81 8.35 5.72 -24.80
CA ALA A 81 7.25 4.77 -24.76
C ALA A 81 7.04 4.35 -23.33
N PHE A 82 5.86 3.85 -23.03
CA PHE A 82 5.63 3.26 -21.71
C PHE A 82 4.50 2.25 -21.70
N ILE A 83 4.58 1.34 -20.72
CA ILE A 83 3.56 0.35 -20.47
C ILE A 83 3.25 0.42 -18.99
N ILE A 84 1.99 0.24 -18.66
CA ILE A 84 1.50 0.32 -17.27
C ILE A 84 1.42 -1.06 -16.60
N LEU A 85 2.06 -1.21 -15.45
CA LEU A 85 2.03 -2.46 -14.67
C LEU A 85 1.13 -2.28 -13.45
N GLN A 86 0.21 -3.23 -13.31
CA GLN A 86 -0.71 -3.33 -12.17
C GLN A 86 -0.74 -4.77 -11.68
N PRO A 87 -1.43 -5.00 -10.56
CA PRO A 87 -1.41 -6.34 -9.97
C PRO A 87 -2.19 -7.34 -10.83
N ASP A 88 -3.10 -6.89 -11.69
CA ASP A 88 -3.85 -7.81 -12.54
C ASP A 88 -3.08 -8.20 -13.81
N GLN A 89 -2.51 -7.21 -14.48
CA GLN A 89 -1.82 -7.42 -15.75
C GLN A 89 -1.02 -6.17 -16.09
N ALA A 90 -0.31 -6.18 -17.22
CA ALA A 90 0.17 -4.97 -17.87
C ALA A 90 -0.93 -4.45 -18.79
N HIS A 91 -1.08 -3.14 -18.84
CA HIS A 91 -2.12 -2.48 -19.63
C HIS A 91 -1.52 -1.52 -20.65
N ALA A 92 -2.23 -1.35 -21.76
CA ALA A 92 -1.75 -0.48 -22.82
C ALA A 92 -1.81 1.01 -22.49
N SER A 93 -2.84 1.43 -21.75
CA SER A 93 -3.20 2.86 -21.67
C SER A 93 -3.68 3.26 -20.30
N SER A 94 -3.51 4.53 -20.00
CA SER A 94 -3.99 5.11 -18.75
C SER A 94 -3.83 6.62 -18.83
N GLY A 95 -4.92 7.35 -18.63
CA GLY A 95 -4.87 8.79 -18.58
C GLY A 95 -4.04 9.29 -17.40
N SER A 96 -4.37 8.86 -16.18
CA SER A 96 -3.66 9.36 -15.02
C SER A 96 -2.18 9.02 -15.12
N ASN A 97 -1.87 7.84 -15.63
CA ASN A 97 -0.47 7.46 -15.68
C ASN A 97 0.28 8.15 -16.80
N SER A 98 -0.42 8.46 -17.91
CA SER A 98 0.21 9.25 -18.95
C SER A 98 0.57 10.63 -18.42
N ILE A 99 -0.30 11.19 -17.59
CA ILE A 99 0.02 12.47 -16.97
C ILE A 99 1.20 12.33 -16.01
N CYS A 100 1.23 11.26 -15.21
CA CYS A 100 2.37 11.02 -14.34
C CYS A 100 3.70 10.93 -15.12
N VAL A 101 3.70 10.16 -16.21
CA VAL A 101 4.89 9.99 -17.04
C VAL A 101 5.34 11.35 -17.61
N THR A 102 4.41 12.11 -18.17
CA THR A 102 4.72 13.42 -18.73
C THR A 102 5.37 14.28 -17.64
N THR A 103 4.73 14.30 -16.48
CA THR A 103 5.19 15.11 -15.36
C THR A 103 6.61 14.69 -14.99
N ALA A 104 6.82 13.39 -14.88
CA ALA A 104 8.12 12.84 -14.52
C ALA A 104 9.19 13.14 -15.57
N LEU A 105 8.87 12.95 -16.85
CA LEU A 105 9.86 13.21 -17.91
C LEU A 105 10.32 14.67 -17.93
N LEU A 106 9.37 15.57 -17.70
CA LEU A 106 9.68 17.00 -17.71
C LEU A 106 10.44 17.42 -16.44
N GLU A 107 9.95 16.99 -15.28
CA GLU A 107 10.53 17.49 -14.03
C GLU A 107 11.86 16.84 -13.71
N SER A 108 12.20 15.77 -14.43
CA SER A 108 13.50 15.14 -14.22
C SER A 108 14.57 15.63 -15.22
N GLY A 109 14.16 16.37 -16.24
CA GLY A 109 15.07 16.85 -17.26
C GLY A 109 15.33 15.86 -18.39
N MET A 110 14.60 14.75 -18.43
CA MET A 110 14.79 13.78 -19.50
C MET A 110 14.27 14.33 -20.80
N ILE A 111 13.32 15.26 -20.70
CA ILE A 111 12.86 15.98 -21.87
C ILE A 111 12.94 17.44 -21.53
N GLU A 112 13.44 18.19 -22.50
CA GLU A 112 13.58 19.65 -22.41
C GLU A 112 12.25 20.28 -22.03
N MET A 113 12.25 21.08 -20.96
CA MET A 113 11.05 21.82 -20.57
C MET A 113 11.05 23.20 -21.19
N GLN A 114 10.06 23.47 -22.01
CA GLN A 114 9.85 24.80 -22.54
C GLN A 114 8.65 25.42 -21.86
N GLU A 115 8.67 26.74 -21.74
CA GLU A 115 7.55 27.49 -21.15
C GLU A 115 7.04 28.45 -22.22
N PRO A 116 5.72 28.73 -22.21
CA PRO A 116 4.72 28.27 -21.23
C PRO A 116 4.17 26.88 -21.49
N GLU A 117 4.62 26.23 -22.56
CA GLU A 117 4.03 24.96 -22.97
C GLU A 117 5.07 24.02 -23.60
N THR A 118 5.05 22.75 -23.20
CA THR A 118 5.89 21.71 -23.82
C THR A 118 5.02 20.58 -24.37
N VAL A 119 5.30 20.14 -25.60
CA VAL A 119 4.61 18.99 -26.16
C VAL A 119 5.46 17.73 -26.01
N VAL A 120 4.90 16.71 -25.38
CA VAL A 120 5.53 15.40 -25.24
C VAL A 120 4.70 14.34 -25.96
N MET A 121 5.32 13.57 -26.85
CA MET A 121 4.61 12.55 -27.59
C MET A 121 4.97 11.20 -26.97
N LEU A 122 4.00 10.59 -26.32
CA LEU A 122 4.19 9.31 -25.68
C LEU A 122 3.72 8.18 -26.58
N GLU A 123 4.53 7.14 -26.72
CA GLU A 123 4.10 5.98 -27.46
C GLU A 123 3.58 4.90 -26.53
N THR A 124 2.35 4.46 -26.77
CA THR A 124 1.79 3.35 -26.04
C THR A 124 1.45 2.21 -27.00
N ALA A 125 1.14 1.04 -26.43
CA ALA A 125 0.72 -0.11 -27.23
C ALA A 125 -0.57 0.19 -27.97
N ALA A 126 -1.33 1.18 -27.48
CA ALA A 126 -2.56 1.61 -28.14
C ALA A 126 -2.36 2.66 -29.24
N GLY A 127 -1.17 3.26 -29.32
CA GLY A 127 -0.90 4.31 -30.30
C GLY A 127 -0.23 5.50 -29.66
N LEU A 128 -0.04 6.59 -30.40
CA LEU A 128 0.65 7.77 -29.86
C LEU A 128 -0.32 8.63 -29.07
N VAL A 129 0.13 9.08 -27.90
CA VAL A 129 -0.65 9.95 -27.04
C VAL A 129 0.08 11.28 -26.95
N LYS A 130 -0.52 12.34 -27.49
CA LYS A 130 0.05 13.67 -27.40
C LYS A 130 -0.24 14.27 -26.04
N ALA A 131 0.82 14.72 -25.34
CA ALA A 131 0.66 15.30 -24.02
C ALA A 131 1.17 16.73 -24.05
N VAL A 132 0.26 17.67 -23.85
CA VAL A 132 0.61 19.09 -23.91
C VAL A 132 0.66 19.60 -22.47
N ALA A 133 1.85 19.99 -22.02
CA ALA A 133 2.06 20.40 -20.63
C ALA A 133 2.18 21.90 -20.52
N GLN A 134 1.41 22.51 -19.63
CA GLN A 134 1.62 23.91 -19.30
C GLN A 134 2.66 23.98 -18.21
N CYS A 135 3.78 24.65 -18.50
CA CYS A 135 4.92 24.62 -17.60
C CYS A 135 5.23 26.00 -17.10
N ARG A 136 5.76 26.06 -15.86
CA ARG A 136 6.10 27.31 -15.21
C ARG A 136 7.20 27.06 -14.18
N ASP A 137 8.34 27.74 -14.34
CA ASP A 137 9.41 27.64 -13.35
C ASP A 137 9.81 26.20 -13.02
N GLY A 138 10.05 25.41 -14.05
CA GLY A 138 10.47 24.03 -13.89
C GLY A 138 9.37 23.15 -13.34
N HIS A 139 8.17 23.72 -13.24
CA HIS A 139 7.01 22.99 -12.72
C HIS A 139 6.04 22.73 -13.87
N CYS A 140 5.59 21.49 -13.95
CA CYS A 140 4.58 21.09 -14.91
C CYS A 140 3.22 21.23 -14.20
N ASP A 141 2.47 22.28 -14.56
CA ASP A 141 1.26 22.67 -13.86
C ASP A 141 -0.02 21.92 -14.28
N SER A 142 -0.11 21.53 -15.55
CA SER A 142 -1.30 20.91 -16.12
C SER A 142 -0.81 20.11 -17.31
N VAL A 143 -1.50 19.02 -17.63
CA VAL A 143 -1.21 18.26 -18.81
C VAL A 143 -2.55 17.92 -19.47
N THR A 144 -2.65 18.20 -20.77
CA THR A 144 -3.81 17.77 -21.56
C THR A 144 -3.35 16.69 -22.54
N LEU A 145 -3.98 15.53 -22.44
CA LEU A 145 -3.70 14.41 -23.29
C LEU A 145 -4.68 14.37 -24.43
N THR A 146 -4.18 14.01 -25.59
CA THR A 146 -5.04 13.62 -26.70
C THR A 146 -4.98 12.11 -26.73
N MET A 147 -6.07 11.50 -26.28
CA MET A 147 -6.12 10.07 -26.11
C MET A 147 -6.32 9.34 -27.44
N VAL A 148 -6.06 8.04 -27.42
CA VAL A 148 -6.21 7.21 -28.62
C VAL A 148 -7.68 7.15 -29.06
N PRO A 149 -7.92 6.87 -30.35
CA PRO A 149 -9.30 6.79 -30.85
C PRO A 149 -10.13 5.79 -30.03
N SER A 150 -11.25 6.28 -29.51
CA SER A 150 -12.08 5.52 -28.58
C SER A 150 -13.44 5.21 -29.24
N PHE A 151 -13.99 4.04 -28.95
CA PHE A 151 -15.18 3.62 -29.68
C PHE A 151 -16.06 2.71 -28.85
N VAL A 152 -17.29 2.58 -29.31
CA VAL A 152 -18.23 1.66 -28.66
C VAL A 152 -18.05 0.25 -29.22
N HIS A 153 -18.01 -0.74 -28.34
CA HIS A 153 -17.99 -2.15 -28.75
C HIS A 153 -19.40 -2.69 -28.79
N GLU A 154 -20.13 -2.50 -27.70
CA GLU A 154 -21.54 -2.87 -27.63
C GLU A 154 -22.24 -1.88 -26.71
N LEU A 155 -23.27 -1.27 -27.23
CA LEU A 155 -24.13 -0.39 -26.44
C LEU A 155 -25.29 -1.20 -25.80
N ASP A 156 -25.65 -0.87 -24.55
CA ASP A 156 -26.86 -1.38 -23.93
C ASP A 156 -26.86 -2.90 -23.76
N ALA A 157 -25.69 -3.47 -23.46
CA ALA A 157 -25.63 -4.88 -23.11
C ALA A 157 -26.38 -5.13 -21.79
N GLN A 158 -26.64 -6.39 -21.51
CA GLN A 158 -27.36 -6.78 -20.30
C GLN A 158 -26.71 -8.01 -19.68
N ILE A 159 -26.77 -8.09 -18.36
CA ILE A 159 -26.36 -9.30 -17.67
C ILE A 159 -27.19 -9.46 -16.41
N ALA A 160 -27.65 -10.69 -16.16
CA ALA A 160 -28.42 -10.97 -14.97
C ALA A 160 -27.49 -11.15 -13.75
N THR A 161 -27.92 -10.62 -12.62
CA THR A 161 -27.19 -10.76 -11.37
C THR A 161 -28.17 -11.06 -10.25
N GLU A 162 -27.67 -11.70 -9.20
CA GLU A 162 -28.49 -12.05 -8.05
C GLU A 162 -28.90 -10.83 -7.22
N SER A 163 -27.99 -9.88 -7.04
CA SER A 163 -28.22 -8.79 -6.08
C SER A 163 -29.01 -7.62 -6.65
N TRP A 164 -28.90 -7.36 -7.95
CA TRP A 164 -29.53 -6.19 -8.54
C TRP A 164 -30.50 -6.50 -9.69
N GLY A 165 -30.61 -7.77 -10.05
CA GLY A 165 -31.43 -8.16 -11.17
C GLY A 165 -30.69 -7.88 -12.47
N GLU A 166 -31.40 -7.43 -13.49
CA GLU A 166 -30.77 -7.19 -14.79
C GLU A 166 -29.95 -5.89 -14.76
N ILE A 167 -28.66 -5.98 -15.09
CA ILE A 167 -27.76 -4.84 -15.16
C ILE A 167 -27.48 -4.49 -16.61
N ARG A 168 -27.79 -3.25 -16.99
CA ARG A 168 -27.47 -2.72 -18.31
C ARG A 168 -26.11 -2.04 -18.27
N PHE A 169 -25.31 -2.25 -19.29
CA PHE A 169 -24.00 -1.63 -19.31
C PHE A 169 -23.55 -1.46 -20.73
N ASP A 170 -22.55 -0.60 -20.93
CA ASP A 170 -21.96 -0.41 -22.25
C ASP A 170 -20.58 -1.07 -22.22
N LEU A 171 -20.18 -1.68 -23.34
CA LEU A 171 -18.81 -2.13 -23.50
C LEU A 171 -18.15 -1.17 -24.47
N ALA A 172 -17.08 -0.50 -24.06
CA ALA A 172 -16.44 0.47 -24.92
C ALA A 172 -14.95 0.54 -24.68
N TYR A 173 -14.22 1.06 -25.66
CA TYR A 173 -12.77 1.12 -25.64
C TYR A 173 -12.33 2.56 -25.50
N GLY A 174 -11.47 2.82 -24.52
CA GLY A 174 -10.88 4.12 -24.33
C GLY A 174 -9.38 4.05 -24.15
N GLY A 175 -8.75 3.06 -24.79
CA GLY A 175 -7.34 2.77 -24.60
C GLY A 175 -7.10 1.43 -23.92
N VAL A 176 -8.08 1.04 -23.11
CA VAL A 176 -8.34 -0.33 -22.71
C VAL A 176 -9.85 -0.50 -22.74
N PHE A 177 -10.33 -1.73 -22.58
CA PHE A 177 -11.76 -1.99 -22.60
C PHE A 177 -12.42 -1.87 -21.24
N TYR A 178 -13.59 -1.23 -21.26
CA TYR A 178 -14.43 -0.99 -20.10
C TYR A 178 -15.82 -1.62 -20.22
N ALA A 179 -16.35 -2.10 -19.10
CA ALA A 179 -17.78 -2.21 -18.94
C ALA A 179 -18.21 -0.97 -18.14
N LEU A 180 -19.13 -0.21 -18.71
CA LEU A 180 -19.55 1.07 -18.16
C LEU A 180 -20.96 0.89 -17.62
N VAL A 181 -21.12 1.11 -16.31
CA VAL A 181 -22.35 0.74 -15.61
C VAL A 181 -22.94 1.93 -14.84
N ASP A 182 -24.16 2.33 -15.19
CA ASP A 182 -24.86 3.36 -14.42
C ASP A 182 -25.04 2.85 -13.00
N VAL A 183 -24.45 3.55 -12.04
CA VAL A 183 -24.39 3.09 -10.66
C VAL A 183 -25.75 3.08 -9.93
N ARG A 184 -26.68 3.93 -10.36
CA ARG A 184 -27.97 4.02 -9.70
C ARG A 184 -28.73 2.71 -9.78
N GLN A 185 -28.34 1.87 -10.75
CA GLN A 185 -28.96 0.55 -10.90
C GLN A 185 -28.65 -0.33 -9.69
N LEU A 186 -27.52 -0.06 -9.04
CA LEU A 186 -27.14 -0.86 -7.88
C LEU A 186 -27.70 -0.28 -6.59
N GLY A 187 -28.47 0.80 -6.68
CA GLY A 187 -28.98 1.47 -5.48
C GLY A 187 -27.88 2.09 -4.63
N LEU A 188 -26.75 2.41 -5.26
CA LEU A 188 -25.58 2.98 -4.58
C LEU A 188 -25.20 4.30 -5.23
N THR A 189 -24.50 5.14 -4.47
CA THR A 189 -23.92 6.34 -5.03
C THR A 189 -22.40 6.25 -4.96
N ILE A 190 -21.74 7.03 -5.81
CA ILE A 190 -20.29 7.01 -5.85
C ILE A 190 -19.82 8.05 -4.85
N GLU A 191 -19.50 7.56 -3.67
CA GLU A 191 -19.08 8.38 -2.54
C GLU A 191 -18.18 7.47 -1.68
N PRO A 192 -17.24 8.06 -0.93
CA PRO A 192 -16.26 7.25 -0.18
C PRO A 192 -16.84 6.15 0.71
N GLY A 193 -17.99 6.40 1.33
CA GLY A 193 -18.63 5.39 2.16
C GLY A 193 -19.06 4.11 1.46
N ASN A 194 -19.19 4.14 0.13
CA ASN A 194 -19.59 2.96 -0.62
C ASN A 194 -18.44 2.27 -1.35
N ALA A 195 -17.22 2.66 -1.07
CA ALA A 195 -16.07 2.14 -1.80
C ALA A 195 -15.99 0.61 -1.75
N ARG A 196 -16.20 0.02 -0.58
CA ARG A 196 -16.09 -1.43 -0.46
C ARG A 196 -17.20 -2.12 -1.24
N ARG A 197 -18.42 -1.59 -1.18
CA ARG A 197 -19.54 -2.19 -1.87
C ARG A 197 -19.35 -2.09 -3.39
N LEU A 198 -18.80 -0.96 -3.84
CA LEU A 198 -18.55 -0.74 -5.25
C LEU A 198 -17.43 -1.66 -5.74
N VAL A 199 -16.42 -1.87 -4.93
CA VAL A 199 -15.37 -2.80 -5.32
C VAL A 199 -15.97 -4.22 -5.45
N GLU A 200 -16.80 -4.65 -4.50
CA GLU A 200 -17.29 -6.02 -4.56
C GLU A 200 -18.13 -6.20 -5.82
N ALA A 201 -18.94 -5.19 -6.15
CA ALA A 201 -19.81 -5.22 -7.33
C ALA A 201 -19.00 -5.20 -8.61
N GLY A 202 -18.00 -4.35 -8.64
CA GLY A 202 -17.13 -4.22 -9.77
C GLY A 202 -16.40 -5.51 -10.07
N MET A 203 -15.93 -6.21 -9.04
CA MET A 203 -15.22 -7.46 -9.27
C MET A 203 -16.18 -8.55 -9.72
N LEU A 204 -17.38 -8.60 -9.15
CA LEU A 204 -18.33 -9.62 -9.56
C LEU A 204 -18.60 -9.43 -11.05
N LEU A 205 -18.84 -8.19 -11.42
CA LEU A 205 -19.19 -7.90 -12.80
C LEU A 205 -18.06 -8.14 -13.77
N LYS A 206 -16.84 -7.76 -13.38
CA LYS A 206 -15.70 -7.98 -14.24
C LYS A 206 -15.54 -9.48 -14.51
N GLY A 207 -15.69 -10.31 -13.49
CA GLY A 207 -15.47 -11.74 -13.64
C GLY A 207 -16.54 -12.33 -14.55
N GLU A 208 -17.79 -11.94 -14.34
CA GLU A 208 -18.91 -12.48 -15.12
C GLU A 208 -18.84 -12.06 -16.59
N ILE A 209 -18.59 -10.78 -16.83
CA ILE A 209 -18.58 -10.22 -18.17
C ILE A 209 -17.49 -10.85 -19.02
N ASN A 210 -16.30 -10.98 -18.44
CA ASN A 210 -15.19 -11.61 -19.13
C ASN A 210 -15.36 -13.10 -19.37
N GLN A 211 -16.18 -13.78 -18.58
CA GLN A 211 -16.52 -15.17 -18.92
C GLN A 211 -17.47 -15.27 -20.11
N ARG A 212 -18.32 -14.27 -20.31
CA ARG A 212 -19.41 -14.36 -21.29
C ARG A 212 -18.95 -13.91 -22.66
N ILE A 213 -18.06 -12.93 -22.70
CA ILE A 213 -17.64 -12.36 -23.98
C ILE A 213 -16.14 -12.04 -24.03
N GLN A 214 -15.54 -12.30 -25.18
CA GLN A 214 -14.15 -12.01 -25.44
C GLN A 214 -14.04 -10.74 -26.28
N VAL A 215 -13.33 -9.73 -25.80
CA VAL A 215 -13.18 -8.51 -26.59
C VAL A 215 -11.71 -8.32 -26.93
N VAL A 216 -11.44 -7.88 -28.16
CA VAL A 216 -10.08 -7.56 -28.58
C VAL A 216 -10.11 -6.34 -29.49
N HIS A 217 -9.07 -5.50 -29.41
CA HIS A 217 -8.95 -4.38 -30.33
C HIS A 217 -8.79 -4.91 -31.76
N PRO A 218 -9.60 -4.37 -32.70
CA PRO A 218 -9.65 -4.96 -34.05
C PRO A 218 -8.35 -4.83 -34.83
N ASP A 219 -7.53 -3.85 -34.48
CA ASP A 219 -6.21 -3.69 -35.10
C ASP A 219 -5.01 -4.05 -34.25
N ILE A 220 -5.23 -4.34 -32.98
CA ILE A 220 -4.15 -4.52 -31.99
C ILE A 220 -4.45 -5.73 -31.10
N PRO A 221 -4.04 -6.92 -31.54
CA PRO A 221 -4.35 -8.15 -30.81
C PRO A 221 -3.89 -8.19 -29.34
N ALA A 222 -2.88 -7.39 -29.02
CA ALA A 222 -2.30 -7.38 -27.69
C ALA A 222 -3.21 -6.72 -26.67
N ILE A 223 -4.23 -6.00 -27.13
CA ILE A 223 -5.16 -5.36 -26.20
C ILE A 223 -6.47 -6.13 -26.19
N SER A 224 -6.72 -6.82 -25.09
CA SER A 224 -7.84 -7.73 -25.00
C SER A 224 -8.38 -7.83 -23.59
N GLY A 225 -9.63 -8.27 -23.49
CA GLY A 225 -10.32 -8.42 -22.23
C GLY A 225 -10.91 -7.13 -21.72
N VAL A 226 -11.96 -7.25 -20.94
CA VAL A 226 -12.47 -6.08 -20.25
C VAL A 226 -11.63 -5.85 -19.02
N ALA A 227 -10.87 -4.75 -19.03
CA ALA A 227 -9.90 -4.46 -17.98
C ALA A 227 -10.63 -4.10 -16.69
N TYR A 228 -11.59 -3.20 -16.81
CA TYR A 228 -12.21 -2.61 -15.64
C TYR A 228 -13.70 -2.44 -15.84
N VAL A 229 -14.42 -2.53 -14.73
CA VAL A 229 -15.81 -2.05 -14.68
C VAL A 229 -15.78 -0.67 -14.03
N MET A 230 -16.32 0.33 -14.74
CA MET A 230 -16.40 1.70 -14.25
C MET A 230 -17.87 2.05 -14.02
N PHE A 231 -18.20 2.32 -12.76
CA PHE A 231 -19.50 2.83 -12.41
C PHE A 231 -19.53 4.30 -12.72
N ARG A 232 -20.69 4.76 -13.14
CA ARG A 232 -20.85 6.13 -13.59
C ARG A 232 -22.16 6.76 -13.15
N ASP A 233 -22.14 8.08 -12.95
CA ASP A 233 -23.32 8.81 -12.62
C ASP A 233 -23.13 10.22 -13.15
N GLU A 234 -24.10 11.09 -12.96
CA GLU A 234 -23.96 12.49 -13.33
C GLU A 234 -24.33 13.31 -12.11
N ASP A 235 -23.42 14.19 -11.68
CA ASP A 235 -23.67 15.05 -10.53
C ASP A 235 -24.68 16.12 -10.87
N PRO A 236 -25.24 16.77 -9.84
CA PRO A 236 -26.27 17.79 -10.10
C PRO A 236 -25.77 18.92 -11.01
N ASP A 237 -24.49 19.22 -10.99
CA ASP A 237 -23.95 20.28 -11.83
C ASP A 237 -23.53 19.80 -13.21
N GLY A 238 -23.77 18.53 -13.52
CA GLY A 238 -23.54 17.99 -14.86
C GLY A 238 -22.26 17.19 -15.01
N ALA A 239 -21.43 17.18 -13.98
CA ALA A 239 -20.17 16.46 -14.08
C ALA A 239 -20.42 14.96 -14.17
N VAL A 240 -19.55 14.25 -14.89
CA VAL A 240 -19.59 12.82 -14.91
C VAL A 240 -18.83 12.29 -13.70
N ARG A 241 -19.55 11.59 -12.83
CA ARG A 241 -18.96 10.99 -11.64
C ARG A 241 -18.59 9.56 -11.97
N THR A 242 -17.36 9.18 -11.64
CA THR A 242 -16.88 7.86 -12.00
C THR A 242 -16.29 7.12 -10.81
N CYS A 243 -16.31 5.80 -10.92
CA CYS A 243 -15.62 4.95 -9.97
C CYS A 243 -15.16 3.72 -10.71
N THR A 244 -13.93 3.78 -11.22
CA THR A 244 -13.31 2.64 -11.86
C THR A 244 -12.81 1.62 -10.86
N THR A 245 -13.30 0.39 -10.97
CA THR A 245 -12.87 -0.67 -10.08
C THR A 245 -11.83 -1.56 -10.76
N MET A 246 -10.81 -1.91 -9.99
CA MET A 246 -9.58 -2.48 -10.50
C MET A 246 -9.22 -3.74 -9.69
N TRP A 247 -8.93 -4.82 -10.41
CA TRP A 247 -8.66 -6.11 -9.81
C TRP A 247 -7.27 -6.07 -9.21
N PRO A 248 -7.08 -6.67 -8.03
CA PRO A 248 -8.00 -7.60 -7.37
C PRO A 248 -9.01 -6.97 -6.42
N GLY A 249 -9.12 -5.65 -6.40
CA GLY A 249 -10.24 -5.04 -5.71
C GLY A 249 -9.93 -3.71 -5.08
N ARG A 250 -9.87 -2.68 -5.89
CA ARG A 250 -9.74 -1.33 -5.36
C ARG A 250 -10.31 -0.34 -6.36
N VAL A 251 -10.42 0.92 -5.97
CA VAL A 251 -10.94 1.94 -6.88
C VAL A 251 -9.85 2.91 -7.35
N ASP A 252 -10.00 3.37 -8.58
CA ASP A 252 -9.15 4.45 -9.10
C ASP A 252 -9.39 5.70 -8.26
N ARG A 253 -8.32 6.34 -7.78
CA ARG A 253 -8.48 7.61 -7.05
C ARG A 253 -8.75 8.79 -8.00
N SER A 254 -8.37 8.62 -9.26
CA SER A 254 -8.61 9.65 -10.26
C SER A 254 -9.96 9.44 -10.95
N PRO A 255 -10.42 10.45 -11.70
CA PRO A 255 -11.67 10.35 -12.46
C PRO A 255 -11.59 9.34 -13.61
N CYS A 256 -10.38 8.90 -13.94
CA CYS A 256 -10.12 7.83 -14.89
C CYS A 256 -10.16 8.30 -16.34
N GLY A 257 -8.97 8.51 -16.92
CA GLY A 257 -8.86 9.03 -18.26
C GLY A 257 -9.39 8.09 -19.35
N THR A 258 -8.98 6.84 -19.26
CA THR A 258 -9.41 5.87 -20.25
C THR A 258 -10.89 5.55 -20.10
N GLY A 259 -11.37 5.50 -18.88
CA GLY A 259 -12.78 5.21 -18.66
C GLY A 259 -13.64 6.35 -19.17
N ASN A 260 -13.20 7.58 -18.91
CA ASN A 260 -13.89 8.73 -19.49
C ASN A 260 -13.87 8.75 -21.01
N SER A 261 -12.78 8.28 -21.60
CA SER A 261 -12.68 8.20 -23.07
C SER A 261 -13.70 7.19 -23.64
N ALA A 262 -13.77 6.04 -23.01
CA ALA A 262 -14.73 5.02 -23.40
C ALA A 262 -16.15 5.54 -23.23
N ASN A 263 -16.39 6.25 -22.14
CA ASN A 263 -17.71 6.82 -21.89
C ASN A 263 -18.02 7.91 -22.92
N LEU A 264 -17.01 8.70 -23.27
CA LEU A 264 -17.21 9.73 -24.30
C LEU A 264 -17.67 9.13 -25.62
N ALA A 265 -17.10 7.98 -25.98
CA ALA A 265 -17.55 7.30 -27.18
C ALA A 265 -19.04 6.96 -27.06
N THR A 266 -19.48 6.55 -25.88
CA THR A 266 -20.92 6.25 -25.73
C THR A 266 -21.77 7.52 -25.80
N LEU A 267 -21.27 8.61 -25.23
CA LEU A 267 -22.04 9.87 -25.24
C LEU A 267 -22.20 10.33 -26.69
N HIS A 268 -21.15 10.17 -27.49
CA HIS A 268 -21.24 10.64 -28.86
C HIS A 268 -22.23 9.78 -29.66
N ALA A 269 -22.20 8.47 -29.41
CA ALA A 269 -23.09 7.53 -30.08
C ALA A 269 -24.53 7.86 -29.78
N ARG A 270 -24.76 8.33 -28.56
CA ARG A 270 -26.11 8.69 -28.08
C ARG A 270 -26.51 10.13 -28.41
N GLY A 271 -25.68 10.89 -29.12
CA GLY A 271 -26.02 12.25 -29.53
C GLY A 271 -25.94 13.30 -28.43
N ARG A 272 -25.16 13.03 -27.38
CA ARG A 272 -25.15 13.93 -26.22
C ARG A 272 -23.94 14.85 -26.18
N VAL A 273 -23.00 14.66 -27.09
CA VAL A 273 -21.83 15.54 -27.19
C VAL A 273 -21.42 15.70 -28.64
N LYS A 274 -20.75 16.80 -28.92
CA LYS A 274 -20.19 17.03 -30.23
C LYS A 274 -18.84 17.72 -30.08
N PRO A 275 -18.03 17.68 -31.15
CA PRO A 275 -16.67 18.18 -31.02
C PRO A 275 -16.63 19.61 -30.56
N GLY A 276 -15.69 19.92 -29.67
CA GLY A 276 -15.59 21.23 -29.08
C GLY A 276 -16.23 21.27 -27.71
N ASP A 277 -17.04 20.28 -27.38
CA ASP A 277 -17.64 20.19 -26.05
C ASP A 277 -16.60 19.73 -25.03
N SER A 278 -16.74 20.20 -23.80
CA SER A 278 -15.95 19.65 -22.69
C SER A 278 -16.79 19.68 -21.44
N PHE A 279 -16.39 18.87 -20.46
CA PHE A 279 -17.11 18.81 -19.21
C PHE A 279 -16.20 18.26 -18.15
N LEU A 280 -16.64 18.37 -16.91
CA LEU A 280 -15.84 17.91 -15.79
C LEU A 280 -16.16 16.45 -15.47
N SER A 281 -15.15 15.72 -15.03
CA SER A 281 -15.41 14.42 -14.43
C SER A 281 -14.82 14.40 -13.04
N ARG A 282 -15.54 13.78 -12.10
CA ARG A 282 -15.12 13.71 -10.70
C ARG A 282 -15.00 12.26 -10.23
N SER A 283 -13.98 11.98 -9.44
CA SER A 283 -13.81 10.66 -8.86
C SER A 283 -14.52 10.50 -7.52
N ILE A 284 -14.33 9.32 -6.93
CA ILE A 284 -14.97 8.99 -5.66
C ILE A 284 -14.44 9.91 -4.56
N ILE A 285 -13.20 10.41 -4.70
CA ILE A 285 -12.65 11.34 -3.70
C ILE A 285 -12.84 12.79 -4.10
N GLY A 286 -13.54 13.03 -5.21
CA GLY A 286 -13.82 14.38 -5.64
C GLY A 286 -12.71 15.05 -6.42
N SER A 287 -11.68 14.31 -6.85
CA SER A 287 -10.68 14.91 -7.70
C SER A 287 -11.22 15.01 -9.12
N GLN A 288 -10.62 15.86 -9.96
CA GLN A 288 -11.28 16.30 -11.18
C GLN A 288 -10.39 16.21 -12.39
N PHE A 289 -10.99 15.83 -13.54
CA PHE A 289 -10.37 15.97 -14.84
C PHE A 289 -11.30 16.82 -15.72
N THR A 290 -10.76 17.48 -16.74
CA THR A 290 -11.62 18.03 -17.79
C THR A 290 -11.56 17.08 -18.97
N VAL A 291 -12.72 16.69 -19.48
CA VAL A 291 -12.82 15.76 -20.60
C VAL A 291 -13.33 16.54 -21.80
N GLY A 292 -12.64 16.41 -22.93
CA GLY A 292 -13.03 17.14 -24.15
C GLY A 292 -13.24 16.19 -25.31
N LEU A 293 -14.06 16.61 -26.27
CA LEU A 293 -14.19 15.91 -27.56
C LEU A 293 -13.55 16.75 -28.66
N GLN A 294 -12.38 16.32 -29.13
CA GLN A 294 -11.63 17.09 -30.10
C GLN A 294 -12.19 16.93 -31.50
N GLY A 295 -12.51 15.69 -31.82
CA GLY A 295 -12.98 15.36 -33.17
C GLY A 295 -13.31 13.89 -33.27
N LEU A 296 -13.56 13.46 -34.51
CA LEU A 296 -13.97 12.11 -34.80
C LEU A 296 -12.97 11.42 -35.72
N THR A 297 -12.99 10.10 -35.69
CA THR A 297 -12.23 9.31 -36.62
C THR A 297 -12.99 7.98 -36.77
N THR A 298 -12.38 6.95 -37.35
CA THR A 298 -12.97 5.63 -37.38
C THR A 298 -11.90 4.65 -36.96
N VAL A 299 -12.31 3.55 -36.36
CA VAL A 299 -11.44 2.42 -36.06
C VAL A 299 -12.06 1.18 -36.65
N ALA A 300 -11.33 0.57 -37.58
CA ALA A 300 -11.76 -0.67 -38.22
C ALA A 300 -13.21 -0.55 -38.69
N GLY A 301 -13.55 0.59 -39.28
CA GLY A 301 -14.84 0.74 -39.92
C GLY A 301 -15.93 1.35 -39.06
N ARG A 302 -15.72 1.49 -37.76
CA ARG A 302 -16.77 2.11 -36.97
C ARG A 302 -16.37 3.46 -36.43
N SER A 303 -17.41 4.22 -36.13
CA SER A 303 -17.25 5.57 -35.65
C SER A 303 -16.41 5.59 -34.38
N ALA A 304 -15.59 6.61 -34.25
CA ALA A 304 -14.74 6.73 -33.08
C ALA A 304 -14.54 8.18 -32.71
N VAL A 305 -14.19 8.42 -31.47
CA VAL A 305 -13.95 9.76 -30.96
C VAL A 305 -12.49 9.96 -30.60
N ILE A 306 -12.05 11.20 -30.69
CA ILE A 306 -10.75 11.62 -30.19
C ILE A 306 -10.95 12.44 -28.92
N PRO A 307 -10.71 11.81 -27.75
CA PRO A 307 -10.92 12.48 -26.47
C PRO A 307 -9.72 13.31 -26.07
N THR A 308 -9.95 14.34 -25.26
CA THR A 308 -8.86 14.96 -24.52
C THR A 308 -9.13 14.85 -23.02
N ILE A 309 -8.05 14.70 -22.24
CA ILE A 309 -8.15 14.54 -20.80
C ILE A 309 -7.15 15.51 -20.19
N THR A 310 -7.63 16.40 -19.32
CA THR A 310 -6.77 17.37 -18.63
C THR A 310 -6.76 17.13 -17.15
N GLY A 311 -5.55 17.04 -16.58
CA GLY A 311 -5.39 16.93 -15.15
C GLY A 311 -3.98 17.32 -14.78
N ARG A 312 -3.62 17.13 -13.51
CA ARG A 312 -2.33 17.58 -13.00
C ARG A 312 -1.61 16.44 -12.31
N GLY A 313 -0.28 16.39 -12.49
CA GLY A 313 0.59 15.45 -11.80
C GLY A 313 1.46 16.14 -10.74
N PHE A 314 1.67 15.44 -9.63
CA PHE A 314 2.47 15.94 -8.52
C PHE A 314 3.51 14.90 -8.14
N THR A 315 4.78 15.31 -8.22
CA THR A 315 5.90 14.47 -7.87
C THR A 315 6.07 14.59 -6.37
N TYR A 316 6.16 13.47 -5.68
CA TYR A 316 6.22 13.49 -4.22
C TYR A 316 7.41 12.74 -3.68
N GLY A 317 8.23 12.17 -4.55
CA GLY A 317 9.42 11.48 -4.07
C GLY A 317 10.18 10.71 -5.13
N ILE A 318 11.22 10.03 -4.69
CA ILE A 318 12.03 9.19 -5.57
C ILE A 318 12.35 7.89 -4.87
N HIS A 319 12.30 6.79 -5.59
CA HIS A 319 12.61 5.47 -5.01
C HIS A 319 13.73 4.85 -5.77
N GLN A 320 14.58 4.13 -5.03
CA GLN A 320 15.55 3.25 -5.64
C GLN A 320 15.26 1.86 -5.13
N VAL A 321 15.05 0.94 -6.06
CA VAL A 321 14.71 -0.42 -5.69
C VAL A 321 15.84 -1.34 -6.15
N ALA A 322 16.35 -2.17 -5.26
CA ALA A 322 17.40 -3.10 -5.66
C ALA A 322 16.77 -4.23 -6.46
N LEU A 323 17.28 -4.44 -7.66
CA LEU A 323 16.79 -5.53 -8.51
C LEU A 323 17.52 -6.84 -8.18
N ASP A 324 18.75 -6.73 -7.72
CA ASP A 324 19.56 -7.89 -7.37
C ASP A 324 19.57 -8.15 -5.86
N ASP A 327 16.25 -12.43 -1.90
CA ASP A 327 15.35 -12.33 -0.74
C ASP A 327 14.48 -13.58 -0.60
N PRO A 328 14.47 -14.18 0.62
CA PRO A 328 13.75 -15.43 0.97
C PRO A 328 12.24 -15.41 0.78
N LEU A 329 11.65 -14.24 0.56
CA LEU A 329 10.32 -14.18 -0.03
C LEU A 329 10.56 -13.81 -1.49
N GLY A 330 10.81 -12.52 -1.73
CA GLY A 330 11.40 -12.06 -2.97
C GLY A 330 10.47 -11.92 -4.14
N GLY A 331 9.89 -13.03 -4.61
CA GLY A 331 9.13 -12.99 -5.85
C GLY A 331 8.07 -11.90 -5.84
N GLY A 332 7.35 -11.80 -4.73
CA GLY A 332 6.17 -10.98 -4.64
C GLY A 332 5.02 -11.82 -4.12
N PHE A 333 4.25 -11.24 -3.21
CA PHE A 333 3.10 -11.95 -2.65
C PHE A 333 1.97 -10.99 -2.29
N VAL A 334 0.80 -11.56 -2.02
CA VAL A 334 -0.35 -10.76 -1.56
C VAL A 334 -1.09 -11.53 -0.46
N LEU A 335 -1.98 -10.84 0.22
CA LEU A 335 -2.88 -11.45 1.15
C LEU A 335 -4.18 -10.76 0.88
N THR A 336 -5.28 -11.44 1.13
CA THR A 336 -6.59 -10.89 0.82
C THR A 336 -6.99 -9.74 1.73
N ASP A 337 -6.29 -9.54 2.84
CA ASP A 337 -6.71 -8.53 3.82
C ASP A 337 -6.80 -7.14 3.21
N VAL A 338 -5.77 -6.73 2.50
CA VAL A 338 -5.78 -5.42 1.88
C VAL A 338 -5.83 -5.48 0.34
N TRP A 339 -5.54 -6.63 -0.25
CA TRP A 339 -5.55 -6.75 -1.71
C TRP A 339 -6.95 -7.14 -2.23
N GLY A 340 -7.78 -7.69 -1.36
CA GLY A 340 -9.14 -8.03 -1.74
C GLY A 340 -9.33 -9.52 -1.85
N ALA A 341 -10.58 -9.95 -1.71
CA ALA A 341 -10.91 -11.37 -1.79
C ALA A 341 -10.39 -12.05 -3.05
N ALA A 342 -10.49 -11.35 -4.19
CA ALA A 342 -10.07 -11.94 -5.45
C ALA A 342 -8.57 -12.26 -5.52
N ALA A 343 -7.77 -11.64 -4.66
CA ALA A 343 -6.31 -11.82 -4.69
C ALA A 343 -5.89 -13.24 -4.37
N GLU A 344 -6.78 -14.00 -3.75
CA GLU A 344 -6.46 -15.36 -3.33
C GLU A 344 -5.88 -16.17 -4.49
N THR A 345 -6.33 -15.85 -5.70
CA THR A 345 -5.75 -16.39 -6.93
C THR A 345 -4.26 -16.02 -7.07
N SER B 1 8.35 32.11 1.36
CA SER B 1 8.78 30.88 2.08
C SER B 1 9.53 29.92 1.14
N MET B 2 9.52 28.63 1.44
CA MET B 2 10.21 27.65 0.61
C MET B 2 9.22 26.71 -0.05
N ARG B 3 9.48 26.39 -1.32
CA ARG B 3 8.62 25.47 -2.07
C ARG B 3 8.57 24.09 -1.46
N TRP B 4 9.73 23.63 -0.97
CA TRP B 4 9.86 22.23 -0.53
C TRP B 4 9.99 22.10 0.99
N LYS B 5 9.21 21.19 1.54
CA LYS B 5 9.20 20.94 2.98
C LYS B 5 9.25 19.44 3.26
N ARG B 6 9.54 19.09 4.51
CA ARG B 6 9.55 17.70 4.95
C ARG B 6 10.34 16.77 4.03
N MET B 7 11.51 17.23 3.58
CA MET B 7 12.41 16.37 2.79
C MET B 7 13.05 15.28 3.69
N MET B 8 12.64 14.03 3.51
N MET B 8 12.63 14.03 3.50
CA MET B 8 13.09 12.93 4.37
CA MET B 8 13.02 12.91 4.36
C MET B 8 13.52 11.70 3.58
C MET B 8 13.57 11.73 3.54
N GLN B 9 14.51 10.99 4.13
CA GLN B 9 15.13 9.86 3.47
C GLN B 9 14.91 8.61 4.30
N LEU B 10 14.47 7.53 3.66
CA LEU B 10 14.07 6.32 4.39
C LEU B 10 14.65 5.08 3.73
N LEU B 11 15.13 4.14 4.54
CA LEU B 11 15.51 2.83 4.02
C LEU B 11 14.32 1.88 4.04
N ASP B 12 14.15 1.12 2.97
CA ASP B 12 13.09 0.15 2.87
C ASP B 12 13.59 -1.20 3.34
N VAL B 13 12.95 -1.71 4.38
CA VAL B 13 13.39 -2.94 5.01
C VAL B 13 12.13 -3.72 5.35
N HIS B 14 12.21 -5.04 5.34
CA HIS B 14 11.16 -5.83 5.96
C HIS B 14 11.75 -6.91 6.81
N CYS B 15 10.99 -7.32 7.82
CA CYS B 15 11.41 -8.38 8.73
C CYS B 15 10.39 -9.51 8.60
N GLU B 16 10.83 -10.63 8.02
CA GLU B 16 9.99 -11.80 7.82
C GLU B 16 8.67 -11.43 7.13
N GLY B 17 8.77 -10.49 6.19
CA GLY B 17 7.66 -10.03 5.38
C GLY B 17 6.94 -8.78 5.81
N GLU B 18 7.26 -8.28 7.02
CA GLU B 18 6.57 -7.13 7.60
C GLU B 18 7.43 -5.88 7.40
N ILE B 19 6.89 -4.92 6.66
CA ILE B 19 7.65 -3.74 6.24
C ILE B 19 7.87 -2.78 7.40
N GLY B 20 9.11 -2.37 7.54
CA GLY B 20 9.48 -1.32 8.47
C GLY B 20 10.44 -0.35 7.81
N LYS B 21 9.91 0.74 7.27
CA LYS B 21 10.76 1.73 6.68
C LYS B 21 11.50 2.46 7.81
N VAL B 22 12.74 2.85 7.58
CA VAL B 22 13.52 3.46 8.62
C VAL B 22 13.99 4.84 8.14
N ALA B 23 13.55 5.88 8.86
CA ALA B 23 13.85 7.28 8.48
C ALA B 23 15.24 7.66 8.97
N ILE B 24 16.16 7.84 8.03
CA ILE B 24 17.58 8.05 8.34
C ILE B 24 18.07 9.44 7.99
N GLY B 25 17.19 10.26 7.43
CA GLY B 25 17.54 11.60 7.05
C GLY B 25 16.36 12.54 7.06
N GLY B 26 16.62 13.79 7.44
CA GLY B 26 15.60 14.82 7.49
C GLY B 26 14.57 14.70 8.61
N VAL B 27 14.81 13.82 9.57
CA VAL B 27 13.85 13.65 10.66
C VAL B 27 13.79 14.91 11.51
N PRO B 28 12.60 15.45 11.73
CA PRO B 28 12.54 16.69 12.50
C PRO B 28 12.61 16.47 14.00
N LYS B 29 12.90 17.51 14.74
CA LYS B 29 12.83 17.42 16.18
C LYS B 29 11.41 17.11 16.63
N ILE B 30 11.29 16.13 17.51
CA ILE B 30 10.02 15.76 18.12
C ILE B 30 10.07 16.22 19.56
N PRO B 31 9.20 17.18 19.94
CA PRO B 31 9.28 17.67 21.31
C PRO B 31 9.15 16.57 22.39
N GLY B 32 9.90 16.75 23.49
CA GLY B 32 9.80 15.85 24.64
C GLY B 32 11.16 15.62 25.27
N ASP B 33 11.22 15.61 26.60
CA ASP B 33 12.49 15.45 27.29
C ASP B 33 12.91 13.98 27.35
N THR B 34 11.92 13.08 27.26
CA THR B 34 12.18 11.65 27.17
C THR B 34 11.52 11.08 25.94
N VAL B 35 11.92 9.87 25.53
CA VAL B 35 11.30 9.23 24.38
C VAL B 35 9.82 8.92 24.64
N ALA B 36 9.46 8.59 25.88
CA ALA B 36 8.06 8.45 26.23
C ALA B 36 7.27 9.75 26.06
N ASP B 37 7.87 10.90 26.43
CA ASP B 37 7.23 12.19 26.22
C ASP B 37 7.08 12.47 24.75
N GLN B 38 8.07 12.08 23.93
CA GLN B 38 7.95 12.21 22.48
C GLN B 38 6.80 11.37 21.92
N LEU B 39 6.63 10.15 22.44
CA LEU B 39 5.53 9.31 22.03
C LEU B 39 4.20 9.98 22.41
N HIS B 40 4.11 10.50 23.62
CA HIS B 40 2.88 11.17 24.06
C HIS B 40 2.57 12.35 23.13
N TRP B 41 3.61 13.11 22.81
CA TRP B 41 3.44 14.29 21.95
C TRP B 41 2.92 13.85 20.56
N LEU B 42 3.51 12.80 20.01
CA LEU B 42 3.10 12.32 18.71
C LEU B 42 1.65 11.91 18.70
N ASN B 43 1.19 11.38 19.83
CA ASN B 43 -0.18 10.91 19.95
C ASN B 43 -1.19 11.98 20.42
N THR B 44 -0.74 13.19 20.74
CA THR B 44 -1.65 14.17 21.28
C THR B 44 -1.63 15.49 20.52
N ASP B 45 -0.45 15.93 20.12
CA ASP B 45 -0.36 17.22 19.45
C ASP B 45 -0.79 17.15 17.98
N PRO B 46 -1.61 18.11 17.53
CA PRO B 46 -2.05 18.17 16.13
C PRO B 46 -0.90 18.08 15.14
N LYS B 47 0.25 18.65 15.48
CA LYS B 47 1.39 18.59 14.57
C LYS B 47 2.00 17.18 14.54
N GLY B 48 1.82 16.42 15.61
CA GLY B 48 2.28 15.04 15.64
C GLY B 48 1.45 14.16 14.73
N ARG B 49 0.15 14.39 14.75
CA ARG B 49 -0.73 13.70 13.83
C ARG B 49 -0.44 14.07 12.38
N GLU B 50 -0.22 15.35 12.12
CA GLU B 50 0.09 15.83 10.78
C GLU B 50 1.33 15.10 10.21
N LEU B 51 2.39 15.05 11.02
CA LEU B 51 3.63 14.39 10.60
C LEU B 51 3.35 12.92 10.33
N ARG B 52 2.69 12.25 11.26
CA ARG B 52 2.44 10.84 11.07
C ARG B 52 1.59 10.58 9.81
N HIS B 53 0.51 11.33 9.65
CA HIS B 53 -0.34 11.18 8.46
C HIS B 53 0.40 11.46 7.17
N PHE B 54 1.30 12.45 7.20
CA PHE B 54 2.14 12.76 6.04
C PHE B 54 2.93 11.51 5.63
N LEU B 55 3.45 10.79 6.61
CA LEU B 55 4.35 9.67 6.36
C LEU B 55 3.64 8.36 6.12
N VAL B 56 2.45 8.19 6.67
CA VAL B 56 1.83 6.85 6.61
C VAL B 56 0.53 6.73 5.80
N LEU B 57 -0.08 7.85 5.39
CA LEU B 57 -1.30 7.73 4.61
C LEU B 57 -0.97 7.99 3.15
N GLU B 58 -1.95 7.80 2.29
CA GLU B 58 -1.70 7.92 0.85
C GLU B 58 -1.34 9.36 0.56
N PRO B 59 -0.50 9.60 -0.45
CA PRO B 59 0.11 8.62 -1.36
C PRO B 59 1.45 8.08 -0.88
N ARG B 60 1.99 8.65 0.19
CA ARG B 60 3.32 8.25 0.63
C ARG B 60 3.31 6.93 1.36
N GLY B 61 2.21 6.65 2.02
CA GLY B 61 2.11 5.43 2.79
C GLY B 61 1.04 4.54 2.22
N ALA B 62 1.00 3.30 2.69
CA ALA B 62 0.06 2.31 2.20
C ALA B 62 -0.41 1.49 3.39
N PRO B 63 -1.43 0.66 3.20
CA PRO B 63 -2.00 -0.03 4.38
C PRO B 63 -1.01 -0.92 5.12
N ILE B 64 -0.03 -1.48 4.41
CA ILE B 64 0.95 -2.35 5.01
C ILE B 64 2.24 -1.64 5.32
N GLY B 65 2.81 -1.95 6.48
CA GLY B 65 4.08 -1.40 6.89
C GLY B 65 4.00 -0.25 7.87
N SER B 66 5.12 -0.05 8.56
CA SER B 66 5.30 1.03 9.50
C SER B 66 6.43 1.94 9.00
N VAL B 67 6.44 3.16 9.53
CA VAL B 67 7.58 4.04 9.40
C VAL B 67 8.22 4.24 10.77
N ASN B 68 9.49 3.87 10.86
CA ASN B 68 10.26 4.00 12.08
C ASN B 68 11.03 5.31 12.06
N LEU B 69 10.70 6.20 12.99
CA LEU B 69 11.31 7.49 13.11
C LEU B 69 12.54 7.33 14.02
N LEU B 70 13.73 7.35 13.45
CA LEU B 70 14.95 7.38 14.27
C LEU B 70 15.10 8.72 14.94
N LEU B 71 15.43 8.69 16.22
CA LEU B 71 15.46 9.86 17.07
C LEU B 71 16.75 9.86 17.86
N PRO B 72 17.19 11.03 18.31
CA PRO B 72 18.36 11.09 19.17
C PRO B 72 18.14 10.29 20.43
N ALA B 73 19.12 9.48 20.80
CA ALA B 73 19.06 8.77 22.07
C ALA B 73 19.00 9.77 23.22
N LYS B 74 18.21 9.43 24.23
CA LYS B 74 18.09 10.24 25.42
C LYS B 74 18.65 9.50 26.61
N ASP B 75 18.79 8.19 26.47
CA ASP B 75 19.47 7.37 27.45
C ASP B 75 20.90 7.17 26.97
N SER B 76 21.87 7.45 27.84
CA SER B 76 23.28 7.41 27.44
C SER B 76 23.76 6.01 27.11
N ARG B 77 22.99 5.00 27.50
CA ARG B 77 23.35 3.62 27.21
C ARG B 77 22.90 3.20 25.80
N ALA B 78 22.07 4.01 25.19
CA ALA B 78 21.51 3.66 23.90
C ALA B 78 22.32 4.20 22.73
N ASP B 79 22.34 3.46 21.64
CA ASP B 79 23.00 3.91 20.41
C ASP B 79 22.08 4.78 19.56
N ALA B 80 20.77 4.54 19.62
CA ALA B 80 19.78 5.25 18.83
C ALA B 80 18.44 5.04 19.54
N ALA B 81 17.49 5.89 19.23
CA ALA B 81 16.13 5.76 19.72
C ALA B 81 15.21 5.70 18.51
N PHE B 82 14.02 5.16 18.69
CA PHE B 82 13.01 5.23 17.64
C PHE B 82 11.61 5.04 18.19
N ILE B 83 10.66 5.53 17.40
CA ILE B 83 9.25 5.40 17.67
C ILE B 83 8.62 4.87 16.38
N ILE B 84 7.63 3.98 16.50
CA ILE B 84 6.96 3.36 15.36
C ILE B 84 5.71 4.14 14.97
N LEU B 85 5.62 4.55 13.71
CA LEU B 85 4.42 5.22 13.18
C LEU B 85 3.58 4.26 12.34
N GLN B 86 2.29 4.19 12.63
CA GLN B 86 1.31 3.39 11.90
C GLN B 86 0.06 4.22 11.66
N PRO B 87 -0.90 3.70 10.87
CA PRO B 87 -2.08 4.48 10.54
C PRO B 87 -3.05 4.67 11.71
N ASP B 88 -2.93 3.87 12.75
CA ASP B 88 -3.73 4.07 13.95
C ASP B 88 -3.16 5.10 14.93
N GLN B 89 -1.87 5.01 15.19
CA GLN B 89 -1.21 5.88 16.16
C GLN B 89 0.30 5.66 16.06
N ALA B 90 1.05 6.40 16.89
CA ALA B 90 2.43 6.05 17.16
C ALA B 90 2.47 5.03 18.29
N HIS B 91 3.40 4.08 18.19
CA HIS B 91 3.51 2.97 19.14
C HIS B 91 4.90 2.93 19.76
N ALA B 92 4.98 2.42 20.99
CA ALA B 92 6.25 2.40 21.69
C ALA B 92 7.20 1.30 21.19
N SER B 93 6.66 0.15 20.82
CA SER B 93 7.45 -1.06 20.64
C SER B 93 7.00 -1.86 19.46
N SER B 94 7.95 -2.61 18.90
CA SER B 94 7.68 -3.55 17.84
C SER B 94 8.88 -4.44 17.62
N GLY B 95 8.69 -5.75 17.65
CA GLY B 95 9.80 -6.65 17.38
C GLY B 95 10.28 -6.59 15.95
N SER B 96 9.36 -6.79 15.01
CA SER B 96 9.72 -6.74 13.60
C SER B 96 10.39 -5.39 13.27
N ASN B 97 9.86 -4.28 13.78
CA ASN B 97 10.46 -2.98 13.45
C ASN B 97 11.80 -2.71 14.12
N SER B 98 12.00 -3.32 15.29
CA SER B 98 13.30 -3.21 15.95
C SER B 98 14.36 -3.94 15.12
N ILE B 99 13.96 -5.06 14.54
CA ILE B 99 14.86 -5.80 13.70
C ILE B 99 15.10 -5.02 12.39
N CYS B 100 14.07 -4.38 11.85
CA CYS B 100 14.30 -3.53 10.67
C CYS B 100 15.28 -2.39 10.95
N VAL B 101 15.09 -1.74 12.08
CA VAL B 101 15.91 -0.60 12.44
C VAL B 101 17.36 -1.04 12.62
N THR B 102 17.55 -2.16 13.31
CA THR B 102 18.90 -2.70 13.53
C THR B 102 19.56 -3.01 12.20
N THR B 103 18.82 -3.71 11.35
CA THR B 103 19.31 -4.08 10.04
C THR B 103 19.70 -2.86 9.22
N ALA B 104 18.83 -1.87 9.18
CA ALA B 104 19.06 -0.66 8.39
C ALA B 104 20.29 0.11 8.90
N LEU B 105 20.40 0.25 10.21
CA LEU B 105 21.50 1.02 10.79
C LEU B 105 22.85 0.36 10.43
N LEU B 106 22.89 -0.96 10.54
CA LEU B 106 24.13 -1.69 10.26
C LEU B 106 24.47 -1.77 8.78
N GLU B 107 23.49 -2.12 7.95
CA GLU B 107 23.76 -2.32 6.54
C GLU B 107 24.09 -1.04 5.82
N SER B 108 23.55 0.09 6.30
CA SER B 108 23.87 1.42 5.77
C SER B 108 25.20 1.94 6.28
N GLY B 109 25.70 1.34 7.35
CA GLY B 109 26.91 1.80 7.98
C GLY B 109 26.74 3.01 8.89
N MET B 110 25.52 3.38 9.20
CA MET B 110 25.30 4.44 10.17
C MET B 110 25.78 4.04 11.57
N ILE B 111 25.71 2.76 11.85
CA ILE B 111 26.44 2.17 12.95
C ILE B 111 27.44 1.21 12.33
N GLU B 112 28.67 1.27 12.78
CA GLU B 112 29.69 0.39 12.21
C GLU B 112 29.37 -1.08 12.41
N MET B 113 29.41 -1.82 11.33
CA MET B 113 29.13 -3.26 11.38
C MET B 113 30.38 -3.99 11.80
N GLN B 114 30.27 -4.66 12.94
CA GLN B 114 31.29 -5.61 13.38
C GLN B 114 30.88 -7.03 13.02
N GLU B 115 31.89 -7.84 12.76
CA GLU B 115 31.67 -9.25 12.43
C GLU B 115 32.49 -10.06 13.40
N PRO B 116 31.94 -11.18 13.89
CA PRO B 116 30.68 -11.82 13.47
C PRO B 116 29.43 -11.24 14.10
N GLU B 117 29.59 -10.37 15.10
CA GLU B 117 28.46 -9.89 15.87
C GLU B 117 28.53 -8.40 16.24
N THR B 118 27.42 -7.70 16.08
CA THR B 118 27.31 -6.33 16.54
C THR B 118 26.17 -6.19 17.53
N VAL B 119 26.43 -5.51 18.65
CA VAL B 119 25.38 -5.22 19.60
C VAL B 119 24.97 -3.77 19.40
N VAL B 120 23.68 -3.58 19.16
CA VAL B 120 23.06 -2.28 19.04
C VAL B 120 22.04 -2.13 20.16
N MET B 121 22.22 -1.09 20.99
CA MET B 121 21.27 -0.82 22.06
C MET B 121 20.23 0.21 21.59
N LEU B 122 18.97 -0.21 21.47
CA LEU B 122 17.95 0.66 20.91
C LEU B 122 17.10 1.23 22.07
N GLU B 123 16.92 2.54 22.12
CA GLU B 123 15.98 3.14 23.10
C GLU B 123 14.59 3.27 22.51
N THR B 124 13.59 2.73 23.18
CA THR B 124 12.20 2.95 22.83
C THR B 124 11.49 3.61 24.02
N ALA B 125 10.25 4.05 23.80
CA ALA B 125 9.46 4.63 24.87
C ALA B 125 9.21 3.60 25.94
N ALA B 126 9.35 2.32 25.58
CA ALA B 126 9.13 1.24 26.54
C ALA B 126 10.37 0.87 27.35
N GLY B 127 11.54 1.39 26.95
CA GLY B 127 12.81 1.05 27.59
C GLY B 127 13.86 0.61 26.58
N LEU B 128 14.98 0.09 27.08
CA LEU B 128 16.08 -0.26 26.19
C LEU B 128 15.87 -1.66 25.66
N VAL B 129 16.09 -1.82 24.36
CA VAL B 129 16.01 -3.09 23.67
C VAL B 129 17.40 -3.42 23.12
N LYS B 130 17.98 -4.49 23.65
CA LYS B 130 19.29 -4.95 23.20
C LYS B 130 19.12 -5.74 21.91
N ALA B 131 19.75 -5.28 20.82
CA ALA B 131 19.69 -6.01 19.58
C ALA B 131 21.05 -6.60 19.27
N VAL B 132 21.15 -7.93 19.22
CA VAL B 132 22.43 -8.58 18.87
C VAL B 132 22.36 -9.13 17.45
N ALA B 133 23.17 -8.55 16.56
CA ALA B 133 23.03 -8.83 15.13
C ALA B 133 24.17 -9.73 14.73
N GLN B 134 23.86 -10.86 14.10
CA GLN B 134 24.88 -11.68 13.48
C GLN B 134 25.15 -11.12 12.09
N CYS B 135 26.38 -10.74 11.87
CA CYS B 135 26.76 -9.97 10.68
C CYS B 135 27.89 -10.69 9.96
N ARG B 136 27.77 -10.74 8.64
CA ARG B 136 28.72 -11.46 7.82
C ARG B 136 28.78 -10.84 6.42
N ASP B 137 29.99 -10.50 6.00
N ASP B 137 29.99 -10.57 5.94
CA ASP B 137 30.25 -9.95 4.68
CA ASP B 137 30.24 -9.91 4.64
C ASP B 137 29.39 -8.73 4.35
C ASP B 137 29.32 -8.73 4.36
N GLY B 138 29.25 -7.81 5.31
CA GLY B 138 28.52 -6.58 5.10
C GLY B 138 27.03 -6.69 5.25
N HIS B 139 26.53 -7.87 5.63
CA HIS B 139 25.10 -8.04 5.75
C HIS B 139 24.73 -8.46 7.15
N CYS B 140 23.57 -8.00 7.58
CA CYS B 140 23.02 -8.33 8.89
C CYS B 140 22.07 -9.53 8.70
N ASP B 141 22.56 -10.73 9.01
CA ASP B 141 21.88 -11.99 8.69
C ASP B 141 20.74 -12.36 9.63
N SER B 142 20.84 -11.95 10.89
CA SER B 142 19.74 -12.13 11.82
C SER B 142 20.00 -11.27 13.04
N VAL B 143 18.93 -11.04 13.77
CA VAL B 143 18.97 -10.23 14.95
C VAL B 143 18.20 -10.91 16.05
N THR B 144 18.79 -10.94 17.24
CA THR B 144 18.07 -11.36 18.44
C THR B 144 17.85 -10.15 19.35
N LEU B 145 16.59 -9.89 19.67
CA LEU B 145 16.23 -8.79 20.57
C LEU B 145 16.00 -9.31 21.95
N THR B 146 16.46 -8.55 22.93
CA THR B 146 16.02 -8.74 24.30
C THR B 146 14.92 -7.72 24.51
N MET B 147 13.68 -8.20 24.59
CA MET B 147 12.53 -7.33 24.69
C MET B 147 12.36 -6.78 26.09
N VAL B 148 11.56 -5.73 26.20
CA VAL B 148 11.28 -5.11 27.48
C VAL B 148 10.50 -6.08 28.37
N PRO B 149 10.57 -5.88 29.71
CA PRO B 149 9.85 -6.78 30.61
C PRO B 149 8.36 -6.82 30.27
N SER B 150 7.88 -8.04 30.09
CA SER B 150 6.54 -8.32 29.60
C SER B 150 5.74 -9.01 30.71
N PHE B 151 4.45 -8.71 30.79
CA PHE B 151 3.67 -9.16 31.94
C PHE B 151 2.20 -9.35 31.59
N VAL B 152 1.53 -10.11 32.45
CA VAL B 152 0.09 -10.27 32.37
C VAL B 152 -0.65 -9.11 33.05
N HIS B 153 -1.61 -8.52 32.33
CA HIS B 153 -2.54 -7.56 32.93
C HIS B 153 -3.77 -8.27 33.51
N GLU B 154 -4.37 -9.13 32.71
CA GLU B 154 -5.47 -9.97 33.17
C GLU B 154 -5.51 -11.30 32.39
N LEU B 155 -5.55 -12.39 33.14
CA LEU B 155 -5.66 -13.72 32.55
C LEU B 155 -7.12 -14.12 32.48
N ASP B 156 -7.50 -14.82 31.41
CA ASP B 156 -8.83 -15.42 31.34
C ASP B 156 -9.93 -14.39 31.45
N ALA B 157 -9.76 -13.25 30.80
CA ALA B 157 -10.86 -12.31 30.67
C ALA B 157 -11.88 -12.91 29.70
N GLN B 158 -13.10 -12.42 29.72
CA GLN B 158 -14.06 -12.85 28.72
C GLN B 158 -14.94 -11.71 28.24
N ILE B 159 -15.50 -11.90 27.06
CA ILE B 159 -16.38 -10.91 26.48
C ILE B 159 -17.45 -11.61 25.63
N ALA B 160 -18.67 -11.16 25.79
CA ALA B 160 -19.80 -11.72 25.04
C ALA B 160 -19.77 -11.23 23.60
N THR B 161 -20.01 -12.12 22.65
CA THR B 161 -20.00 -11.73 21.25
C THR B 161 -21.17 -12.37 20.51
N GLU B 162 -21.67 -11.69 19.48
CA GLU B 162 -22.79 -12.21 18.71
C GLU B 162 -22.43 -13.46 17.90
N SER B 163 -21.28 -13.43 17.25
CA SER B 163 -20.92 -14.51 16.33
C SER B 163 -20.30 -15.76 16.98
N TRP B 164 -19.66 -15.58 18.12
CA TRP B 164 -18.79 -16.60 18.68
C TRP B 164 -19.15 -16.98 20.11
N GLY B 165 -20.17 -16.34 20.67
CA GLY B 165 -20.53 -16.60 22.06
C GLY B 165 -19.49 -15.94 22.96
N GLU B 166 -19.17 -16.58 24.06
CA GLU B 166 -18.21 -16.01 25.02
C GLU B 166 -16.77 -16.27 24.58
N ILE B 167 -16.06 -15.20 24.29
CA ILE B 167 -14.67 -15.26 23.86
C ILE B 167 -13.79 -15.11 25.09
N ARG B 168 -12.90 -16.06 25.29
CA ARG B 168 -11.91 -15.98 26.37
C ARG B 168 -10.63 -15.36 25.80
N PHE B 169 -9.98 -14.46 26.55
CA PHE B 169 -8.76 -13.82 26.05
C PHE B 169 -7.91 -13.40 27.24
N ASP B 170 -6.61 -13.20 27.02
CA ASP B 170 -5.76 -12.61 28.04
C ASP B 170 -5.43 -11.18 27.65
N LEU B 171 -5.34 -10.28 28.62
CA LEU B 171 -4.74 -8.98 28.36
C LEU B 171 -3.30 -9.01 28.86
N ALA B 172 -2.34 -8.69 28.01
CA ALA B 172 -0.95 -8.78 28.45
C ALA B 172 -0.10 -7.75 27.71
N TYR B 173 1.03 -7.42 28.30
CA TYR B 173 1.96 -6.43 27.76
C TYR B 173 3.23 -7.09 27.26
N GLY B 174 3.61 -6.78 26.01
CA GLY B 174 4.89 -7.20 25.48
C GLY B 174 5.64 -6.07 24.77
N GLY B 175 5.47 -4.85 25.28
CA GLY B 175 6.04 -3.66 24.65
C GLY B 175 4.95 -2.70 24.20
N VAL B 176 3.81 -3.27 23.82
CA VAL B 176 2.51 -2.59 23.75
C VAL B 176 1.52 -3.61 24.33
N PHE B 177 0.28 -3.19 24.55
CA PHE B 177 -0.73 -4.08 25.12
C PHE B 177 -1.51 -4.84 24.03
N TYR B 178 -1.78 -6.12 24.34
CA TYR B 178 -2.47 -7.07 23.48
C TYR B 178 -3.71 -7.62 24.17
N ALA B 179 -4.73 -7.89 23.37
CA ALA B 179 -5.71 -8.90 23.71
C ALA B 179 -5.34 -10.17 22.93
N LEU B 180 -5.07 -11.26 23.66
CA LEU B 180 -4.59 -12.52 23.09
C LEU B 180 -5.74 -13.53 23.06
N VAL B 181 -6.10 -13.98 21.86
CA VAL B 181 -7.32 -14.76 21.68
C VAL B 181 -7.04 -16.06 20.95
N ASP B 182 -7.32 -17.18 21.61
CA ASP B 182 -7.26 -18.48 20.94
C ASP B 182 -8.18 -18.46 19.73
N VAL B 183 -7.60 -18.66 18.56
CA VAL B 183 -8.30 -18.47 17.29
C VAL B 183 -9.39 -19.52 17.09
N ARG B 184 -9.22 -20.71 17.64
N ARG B 184 -9.22 -20.71 17.64
CA ARG B 184 -10.17 -21.78 17.42
CA ARG B 184 -10.18 -21.79 17.42
C ARG B 184 -11.57 -21.41 17.91
C ARG B 184 -11.57 -21.41 17.90
N GLN B 185 -11.65 -20.44 18.81
CA GLN B 185 -12.94 -20.00 19.33
C GLN B 185 -13.79 -19.37 18.24
N LEU B 186 -13.16 -18.93 17.15
CA LEU B 186 -13.85 -18.34 16.00
C LEU B 186 -14.23 -19.39 14.98
N GLY B 187 -13.83 -20.63 15.22
CA GLY B 187 -14.05 -21.71 14.25
C GLY B 187 -13.17 -21.53 13.02
N LEU B 188 -12.10 -20.78 13.18
CA LEU B 188 -11.14 -20.52 12.11
C LEU B 188 -9.76 -20.95 12.52
N THR B 189 -8.90 -21.20 11.53
CA THR B 189 -7.46 -21.32 11.76
C THR B 189 -6.70 -20.12 11.17
N ILE B 190 -5.46 -19.93 11.59
CA ILE B 190 -4.66 -18.87 11.06
C ILE B 190 -4.01 -19.35 9.76
N GLU B 191 -4.63 -19.00 8.64
CA GLU B 191 -4.08 -19.35 7.33
C GLU B 191 -4.54 -18.27 6.35
N PRO B 192 -3.82 -18.09 5.23
CA PRO B 192 -4.14 -16.92 4.38
C PRO B 192 -5.59 -16.81 3.94
N GLY B 193 -6.23 -17.95 3.65
CA GLY B 193 -7.63 -17.96 3.25
C GLY B 193 -8.54 -17.25 4.23
N ASN B 194 -8.18 -17.20 5.52
CA ASN B 194 -9.02 -16.57 6.54
C ASN B 194 -8.65 -15.13 6.88
N ALA B 195 -7.70 -14.56 6.14
CA ALA B 195 -7.21 -13.22 6.49
C ALA B 195 -8.28 -12.16 6.70
N ARG B 196 -9.25 -12.08 5.79
CA ARG B 196 -10.28 -11.06 5.86
C ARG B 196 -11.20 -11.29 7.06
N ARG B 197 -11.54 -12.55 7.32
CA ARG B 197 -12.35 -12.86 8.48
C ARG B 197 -11.63 -12.52 9.81
N LEU B 198 -10.34 -12.82 9.85
CA LEU B 198 -9.52 -12.55 11.04
C LEU B 198 -9.44 -11.04 11.27
N VAL B 199 -9.31 -10.29 10.20
CA VAL B 199 -9.25 -8.84 10.35
C VAL B 199 -10.56 -8.32 10.90
N GLU B 200 -11.66 -8.81 10.36
CA GLU B 200 -12.93 -8.27 10.80
C GLU B 200 -13.11 -8.60 12.28
N ALA B 201 -12.75 -9.80 12.68
CA ALA B 201 -12.95 -10.24 14.06
C ALA B 201 -12.04 -9.43 14.99
N GLY B 202 -10.81 -9.23 14.55
CA GLY B 202 -9.82 -8.50 15.35
C GLY B 202 -10.23 -7.07 15.54
N MET B 203 -10.78 -6.45 14.49
CA MET B 203 -11.22 -5.07 14.59
C MET B 203 -12.42 -4.94 15.53
N LEU B 204 -13.36 -5.89 15.44
CA LEU B 204 -14.54 -5.84 16.30
C LEU B 204 -14.09 -5.93 17.75
N LEU B 205 -13.22 -6.90 18.03
CA LEU B 205 -12.76 -7.14 19.40
C LEU B 205 -11.91 -5.97 19.93
N LYS B 206 -11.02 -5.43 19.11
CA LYS B 206 -10.23 -4.29 19.57
C LYS B 206 -11.16 -3.16 20.04
N GLY B 207 -12.17 -2.84 19.23
CA GLY B 207 -13.09 -1.76 19.52
C GLY B 207 -13.86 -2.02 20.79
N GLU B 208 -14.37 -3.24 20.94
CA GLU B 208 -15.18 -3.55 22.12
C GLU B 208 -14.36 -3.62 23.39
N ILE B 209 -13.16 -4.18 23.29
CA ILE B 209 -12.35 -4.38 24.48
C ILE B 209 -11.87 -3.03 24.98
N ASN B 210 -11.52 -2.13 24.06
CA ASN B 210 -11.04 -0.83 24.48
C ASN B 210 -12.12 0.09 25.03
N GLN B 211 -13.38 -0.09 24.63
CA GLN B 211 -14.42 0.76 25.21
C GLN B 211 -14.76 0.25 26.61
N ARG B 212 -14.34 -0.98 26.91
CA ARG B 212 -14.74 -1.61 28.18
C ARG B 212 -13.65 -1.55 29.26
N ILE B 213 -12.39 -1.53 28.85
CA ILE B 213 -11.31 -1.46 29.83
C ILE B 213 -10.27 -0.46 29.38
N GLN B 214 -9.72 0.25 30.35
CA GLN B 214 -8.59 1.14 30.09
C GLN B 214 -7.35 0.51 30.70
N VAL B 215 -6.31 0.42 29.90
CA VAL B 215 -5.06 -0.21 30.33
C VAL B 215 -3.96 0.79 30.13
N VAL B 216 -3.09 0.93 31.12
CA VAL B 216 -1.95 1.80 31.01
C VAL B 216 -0.76 1.10 31.64
N HIS B 217 0.42 1.30 31.06
CA HIS B 217 1.61 0.72 31.65
C HIS B 217 1.85 1.35 33.03
N PRO B 218 2.17 0.53 34.03
CA PRO B 218 2.21 1.12 35.38
C PRO B 218 3.31 2.13 35.65
N ASP B 219 4.35 2.10 34.82
CA ASP B 219 5.50 3.01 34.94
C ASP B 219 5.62 4.03 33.83
N ILE B 220 4.78 3.90 32.81
CA ILE B 220 4.96 4.67 31.59
C ILE B 220 3.60 5.14 31.08
N PRO B 221 3.18 6.31 31.52
CA PRO B 221 1.83 6.81 31.22
C PRO B 221 1.54 6.93 29.71
N ALA B 222 2.59 7.09 28.88
CA ALA B 222 2.41 7.31 27.44
C ALA B 222 2.02 6.04 26.71
N ILE B 223 2.08 4.91 27.39
CA ILE B 223 1.76 3.64 26.73
C ILE B 223 0.44 3.16 27.29
N SER B 224 -0.62 3.31 26.49
CA SER B 224 -1.96 3.04 26.99
C SER B 224 -2.79 2.45 25.86
N GLY B 225 -3.89 1.81 26.23
CA GLY B 225 -4.79 1.18 25.29
C GLY B 225 -4.32 -0.19 24.83
N VAL B 226 -5.29 -1.02 24.46
CA VAL B 226 -5.00 -2.27 23.77
C VAL B 226 -4.71 -1.97 22.30
N ALA B 227 -3.46 -2.14 21.91
CA ALA B 227 -3.04 -1.79 20.55
C ALA B 227 -3.62 -2.76 19.53
N TYR B 228 -3.50 -4.04 19.84
CA TYR B 228 -3.83 -5.07 18.86
C TYR B 228 -4.52 -6.25 19.51
N VAL B 229 -5.36 -6.91 18.73
CA VAL B 229 -5.86 -8.24 19.07
C VAL B 229 -5.01 -9.21 18.28
N MET B 230 -4.36 -10.16 18.97
CA MET B 230 -3.58 -11.19 18.31
C MET B 230 -4.27 -12.51 18.52
N PHE B 231 -4.70 -13.11 17.44
CA PHE B 231 -5.15 -14.46 17.44
C PHE B 231 -3.97 -15.41 17.54
N ARG B 232 -4.17 -16.50 18.26
CA ARG B 232 -3.11 -17.44 18.49
C ARG B 232 -3.57 -18.90 18.39
N ASP B 233 -2.64 -19.77 18.03
CA ASP B 233 -2.91 -21.21 17.95
C ASP B 233 -1.57 -21.93 18.19
N GLU B 234 -1.62 -23.25 18.27
CA GLU B 234 -0.41 -24.06 18.42
C GLU B 234 -0.38 -25.10 17.32
N ASP B 235 0.66 -25.03 16.48
CA ASP B 235 0.86 -25.92 15.35
C ASP B 235 1.19 -27.33 15.88
N PRO B 236 0.95 -28.36 15.07
CA PRO B 236 1.26 -29.74 15.50
C PRO B 236 2.66 -29.88 16.10
N ASP B 237 3.65 -29.20 15.54
CA ASP B 237 5.04 -29.30 16.03
C ASP B 237 5.37 -28.41 17.24
N GLY B 238 4.37 -27.80 17.86
CA GLY B 238 4.58 -27.04 19.08
C GLY B 238 4.79 -25.55 18.84
N ALA B 239 4.90 -25.16 17.59
CA ALA B 239 5.15 -23.75 17.32
C ALA B 239 3.92 -22.92 17.67
N VAL B 240 4.13 -21.69 18.09
CA VAL B 240 3.04 -20.79 18.34
C VAL B 240 2.67 -20.07 17.04
N ARG B 241 1.45 -20.27 16.56
CA ARG B 241 0.98 -19.62 15.34
C ARG B 241 0.22 -18.37 15.74
N THR B 242 0.56 -17.26 15.10
CA THR B 242 -0.01 -15.97 15.43
C THR B 242 -0.59 -15.22 14.24
N CYS B 243 -1.56 -14.35 14.56
CA CYS B 243 -2.06 -13.40 13.58
C CYS B 243 -2.46 -12.12 14.31
N THR B 244 -1.56 -11.15 14.33
CA THR B 244 -1.82 -9.89 14.98
C THR B 244 -2.59 -9.01 14.01
N THR B 245 -3.72 -8.49 14.46
CA THR B 245 -4.58 -7.64 13.63
C THR B 245 -4.39 -6.17 14.04
N MET B 246 -4.31 -5.33 13.02
CA MET B 246 -3.85 -3.96 13.15
C MET B 246 -4.84 -3.00 12.49
N TRP B 247 -5.24 -1.98 13.25
CA TRP B 247 -6.22 -1.01 12.79
C TRP B 247 -5.57 -0.09 11.75
N PRO B 248 -6.33 0.29 10.69
CA PRO B 248 -7.77 0.11 10.48
C PRO B 248 -8.20 -1.20 9.83
N GLY B 249 -7.31 -2.18 9.68
CA GLY B 249 -7.75 -3.52 9.31
C GLY B 249 -6.81 -4.28 8.40
N ARG B 250 -5.73 -4.80 8.95
CA ARG B 250 -4.86 -5.70 8.21
C ARG B 250 -4.10 -6.58 9.20
N VAL B 251 -3.40 -7.61 8.72
CA VAL B 251 -2.64 -8.51 9.59
C VAL B 251 -1.13 -8.26 9.51
N ASP B 252 -0.45 -8.55 10.61
CA ASP B 252 1.01 -8.57 10.65
C ASP B 252 1.50 -9.70 9.75
N ARG B 253 2.42 -9.40 8.85
CA ARG B 253 3.04 -10.46 8.05
C ARG B 253 4.10 -11.26 8.83
N SER B 254 4.61 -10.67 9.90
CA SER B 254 5.58 -11.36 10.78
C SER B 254 4.86 -12.10 11.88
N PRO B 255 5.59 -12.97 12.59
CA PRO B 255 5.02 -13.71 13.72
C PRO B 255 4.71 -12.80 14.92
N CYS B 256 5.18 -11.57 14.89
CA CYS B 256 4.87 -10.53 15.88
C CYS B 256 5.70 -10.66 17.18
N GLY B 257 6.72 -9.82 17.30
CA GLY B 257 7.58 -9.88 18.47
C GLY B 257 6.94 -9.42 19.79
N THR B 258 6.21 -8.32 19.74
CA THR B 258 5.56 -7.81 20.94
C THR B 258 4.41 -8.73 21.35
N GLY B 259 3.65 -9.25 20.39
CA GLY B 259 2.60 -10.19 20.68
C GLY B 259 3.10 -11.51 21.26
N ASN B 260 4.21 -12.03 20.72
CA ASN B 260 4.82 -13.23 21.30
C ASN B 260 5.36 -12.98 22.70
N SER B 261 5.87 -11.78 22.94
CA SER B 261 6.32 -11.37 24.25
C SER B 261 5.19 -11.36 25.28
N ALA B 262 4.06 -10.78 24.90
CA ALA B 262 2.87 -10.75 25.73
C ALA B 262 2.42 -12.18 25.97
N ASN B 263 2.36 -12.96 24.91
CA ASN B 263 1.93 -14.35 25.04
C ASN B 263 2.88 -15.13 25.93
N LEU B 264 4.17 -14.81 25.87
CA LEU B 264 5.12 -15.52 26.70
C LEU B 264 4.86 -15.29 28.18
N ALA B 265 4.50 -14.06 28.52
CA ALA B 265 4.14 -13.72 29.90
C ALA B 265 2.98 -14.60 30.34
N THR B 266 1.99 -14.81 29.46
CA THR B 266 0.87 -15.71 29.84
C THR B 266 1.33 -17.17 29.95
N LEU B 267 2.23 -17.62 29.08
CA LEU B 267 2.72 -19.00 29.19
C LEU B 267 3.44 -19.22 30.50
N HIS B 268 4.20 -18.22 30.93
CA HIS B 268 4.96 -18.38 32.17
C HIS B 268 4.00 -18.41 33.33
N ALA B 269 3.00 -17.55 33.30
CA ALA B 269 1.99 -17.49 34.35
C ALA B 269 1.25 -18.84 34.44
N ARG B 270 1.08 -19.52 33.30
CA ARG B 270 0.41 -20.83 33.30
C ARG B 270 1.35 -22.04 33.51
N GLY B 271 2.60 -21.77 33.83
CA GLY B 271 3.55 -22.81 34.17
C GLY B 271 4.07 -23.64 32.99
N ARG B 272 4.02 -23.06 31.79
CA ARG B 272 4.29 -23.81 30.55
C ARG B 272 5.67 -23.56 29.93
N VAL B 273 6.40 -22.60 30.47
CA VAL B 273 7.78 -22.33 30.05
C VAL B 273 8.60 -21.90 31.25
N LYS B 274 9.90 -22.12 31.15
CA LYS B 274 10.84 -21.75 32.20
C LYS B 274 12.02 -21.09 31.50
N PRO B 275 12.79 -20.28 32.25
CA PRO B 275 13.96 -19.64 31.65
C PRO B 275 14.85 -20.67 30.97
N GLY B 276 15.31 -20.31 29.78
CA GLY B 276 16.15 -21.18 28.97
C GLY B 276 15.36 -21.80 27.84
N ASP B 277 14.04 -21.84 27.97
CA ASP B 277 13.21 -22.48 26.96
C ASP B 277 13.18 -21.62 25.70
N SER B 278 12.96 -22.24 24.56
CA SER B 278 12.65 -21.50 23.34
C SER B 278 11.75 -22.32 22.42
N PHE B 279 11.12 -21.63 21.48
CA PHE B 279 10.18 -22.28 20.59
C PHE B 279 10.01 -21.41 19.36
N LEU B 280 9.53 -22.01 18.28
CA LEU B 280 9.21 -21.22 17.07
C LEU B 280 7.85 -20.57 17.15
N SER B 281 7.71 -19.44 16.46
CA SER B 281 6.40 -18.86 16.22
C SER B 281 6.28 -18.62 14.73
N ARG B 282 5.10 -18.84 14.18
CA ARG B 282 4.85 -18.68 12.76
C ARG B 282 3.69 -17.75 12.52
N SER B 283 3.81 -16.96 11.47
CA SER B 283 2.75 -16.04 11.07
C SER B 283 1.80 -16.66 10.07
N ILE B 284 0.86 -15.84 9.63
CA ILE B 284 -0.17 -16.30 8.71
C ILE B 284 0.46 -16.70 7.38
N ILE B 285 1.63 -16.13 7.06
CA ILE B 285 2.30 -16.47 5.79
C ILE B 285 3.41 -17.49 5.98
N GLY B 286 3.55 -17.99 7.20
CA GLY B 286 4.51 -19.04 7.46
C GLY B 286 5.91 -18.54 7.70
N SER B 287 6.08 -17.24 7.83
CA SER B 287 7.40 -16.75 8.26
C SER B 287 7.57 -17.07 9.75
N GLN B 288 8.81 -17.06 10.23
CA GLN B 288 9.11 -17.58 11.56
C GLN B 288 10.01 -16.67 12.38
N PHE B 289 9.79 -16.71 13.70
CA PHE B 289 10.68 -16.12 14.70
C PHE B 289 11.05 -17.25 15.65
N THR B 290 12.16 -17.11 16.37
CA THR B 290 12.43 -17.95 17.54
C THR B 290 12.14 -17.10 18.76
N VAL B 291 11.35 -17.62 19.67
CA VAL B 291 10.95 -16.94 20.89
C VAL B 291 11.62 -17.64 22.06
N GLY B 292 12.35 -16.89 22.90
CA GLY B 292 12.98 -17.47 24.08
C GLY B 292 12.58 -16.76 25.37
N LEU B 293 12.67 -17.48 26.49
CA LEU B 293 12.52 -16.85 27.80
C LEU B 293 13.88 -16.75 28.44
N GLN B 294 14.44 -15.55 28.49
CA GLN B 294 15.78 -15.37 29.05
C GLN B 294 15.80 -15.51 30.56
N GLY B 295 14.77 -14.97 31.20
CA GLY B 295 14.78 -14.80 32.63
C GLY B 295 13.54 -14.09 33.12
N LEU B 296 13.50 -13.92 34.44
CA LEU B 296 12.36 -13.35 35.12
C LEU B 296 12.71 -12.04 35.77
N THR B 297 11.71 -11.18 35.94
CA THR B 297 11.91 -9.92 36.64
C THR B 297 10.56 -9.53 37.26
N THR B 298 10.41 -8.27 37.66
CA THR B 298 9.12 -7.77 38.11
C THR B 298 8.80 -6.43 37.42
N VAL B 299 7.50 -6.17 37.28
CA VAL B 299 6.97 -4.88 36.90
C VAL B 299 5.83 -4.59 37.86
N ALA B 300 5.85 -3.41 38.50
CA ALA B 300 4.83 -3.04 39.50
C ALA B 300 4.75 -4.06 40.62
N GLY B 301 5.89 -4.66 40.94
CA GLY B 301 5.96 -5.62 42.03
C GLY B 301 5.35 -7.00 41.78
N ARG B 302 4.95 -7.24 40.54
CA ARG B 302 4.36 -8.50 40.13
C ARG B 302 5.25 -9.17 39.10
N SER B 303 5.08 -10.49 38.93
CA SER B 303 5.94 -11.24 38.03
C SER B 303 5.94 -10.71 36.59
N ALA B 304 7.11 -10.72 35.97
CA ALA B 304 7.28 -10.34 34.57
C ALA B 304 8.35 -11.22 33.96
N VAL B 305 8.38 -11.29 32.63
CA VAL B 305 9.39 -12.09 31.94
C VAL B 305 10.23 -11.26 31.01
N ILE B 306 11.42 -11.74 30.71
CA ILE B 306 12.33 -11.10 29.75
C ILE B 306 12.37 -11.98 28.51
N PRO B 307 11.66 -11.58 27.45
CA PRO B 307 11.61 -12.41 26.22
C PRO B 307 12.80 -12.11 25.31
N THR B 308 13.19 -13.09 24.50
CA THR B 308 14.02 -12.83 23.34
C THR B 308 13.23 -13.18 22.07
N ILE B 309 13.51 -12.42 21.02
CA ILE B 309 12.85 -12.60 19.74
C ILE B 309 13.95 -12.59 18.69
N THR B 310 14.03 -13.65 17.90
CA THR B 310 15.05 -13.75 16.86
C THR B 310 14.38 -13.82 15.50
N GLY B 311 14.81 -12.93 14.59
CA GLY B 311 14.31 -12.95 13.23
C GLY B 311 15.31 -12.31 12.28
N ARG B 312 14.95 -12.24 11.01
CA ARG B 312 15.81 -11.68 9.97
C ARG B 312 15.22 -10.44 9.31
N GLY B 313 16.06 -9.43 9.05
CA GLY B 313 15.64 -8.30 8.24
C GLY B 313 16.30 -8.28 6.87
N PHE B 314 15.63 -7.62 5.94
CA PHE B 314 16.08 -7.57 4.55
C PHE B 314 15.90 -6.16 4.02
N THR B 315 17.01 -5.52 3.69
CA THR B 315 16.96 -4.16 3.12
C THR B 315 16.76 -4.33 1.62
N TYR B 316 15.80 -3.62 1.05
CA TYR B 316 15.50 -3.83 -0.37
C TYR B 316 15.40 -2.56 -1.18
N GLY B 317 15.58 -1.40 -0.56
CA GLY B 317 15.56 -0.16 -1.34
C GLY B 317 15.78 1.06 -0.47
N ILE B 318 15.77 2.21 -1.10
CA ILE B 318 15.85 3.46 -0.36
C ILE B 318 14.97 4.45 -1.07
N HIS B 319 14.37 5.35 -0.30
CA HIS B 319 13.62 6.39 -0.96
C HIS B 319 13.63 7.72 -0.23
N GLN B 320 13.17 8.72 -0.95
CA GLN B 320 13.05 10.06 -0.43
C GLN B 320 11.64 10.54 -0.61
N VAL B 321 11.11 11.19 0.40
CA VAL B 321 9.84 11.89 0.25
C VAL B 321 10.05 13.38 0.49
N ALA B 322 9.15 14.17 -0.08
CA ALA B 322 9.08 15.60 0.18
C ALA B 322 7.64 16.08 0.11
N LEU B 323 7.45 17.31 0.54
CA LEU B 323 6.14 17.94 0.54
C LEU B 323 6.18 19.15 -0.38
N ASP B 324 5.53 19.04 -1.53
CA ASP B 324 5.50 20.13 -2.52
C ASP B 324 4.41 21.12 -2.12
N ALA B 325 4.79 22.39 -2.00
CA ALA B 325 3.86 23.44 -1.64
C ALA B 325 2.64 23.45 -2.58
N PHE B 326 2.82 22.99 -3.81
CA PHE B 326 1.75 23.01 -4.80
C PHE B 326 0.73 21.88 -4.63
N ASP B 327 1.11 20.83 -3.91
CA ASP B 327 0.32 19.59 -3.88
C ASP B 327 -0.89 19.68 -2.95
N PRO B 328 -2.11 19.55 -3.50
CA PRO B 328 -3.32 19.63 -2.67
C PRO B 328 -3.58 18.39 -1.80
N LEU B 329 -2.83 17.31 -2.00
CA LEU B 329 -3.00 16.11 -1.20
C LEU B 329 -1.75 15.87 -0.34
N GLY B 330 -1.11 16.95 0.07
CA GLY B 330 0.07 16.83 0.90
C GLY B 330 -0.25 16.35 2.31
N GLY B 331 -1.52 16.37 2.68
CA GLY B 331 -1.92 16.02 4.04
C GLY B 331 -1.98 14.53 4.32
N GLY B 332 -2.29 13.73 3.30
CA GLY B 332 -2.52 12.32 3.49
C GLY B 332 -4.01 11.98 3.50
N PHE B 333 -4.37 10.85 2.90
CA PHE B 333 -5.77 10.43 2.89
C PHE B 333 -5.88 8.92 2.82
N VAL B 334 -7.08 8.41 3.08
CA VAL B 334 -7.35 6.97 2.99
C VAL B 334 -8.70 6.75 2.31
N LEU B 335 -8.96 5.53 1.87
CA LEU B 335 -10.29 5.08 1.42
C LEU B 335 -10.54 3.71 2.00
N THR B 336 -11.79 3.34 2.21
CA THR B 336 -12.05 2.07 2.87
C THR B 336 -11.72 0.85 2.00
N ASP B 337 -11.53 1.03 0.69
CA ASP B 337 -11.41 -0.11 -0.18
C ASP B 337 -10.25 -1.01 0.23
N VAL B 338 -9.07 -0.43 0.46
CA VAL B 338 -7.92 -1.24 0.85
C VAL B 338 -7.46 -0.98 2.29
N TRP B 339 -7.93 0.09 2.91
CA TRP B 339 -7.54 0.36 4.31
C TRP B 339 -8.46 -0.29 5.35
N GLY B 340 -9.65 -0.68 4.93
CA GLY B 340 -10.62 -1.31 5.81
C GLY B 340 -11.77 -0.39 6.14
N ALA B 341 -12.90 -1.00 6.51
CA ALA B 341 -14.10 -0.27 6.87
C ALA B 341 -13.82 0.77 7.94
N ALA B 342 -12.95 0.44 8.88
CA ALA B 342 -12.73 1.33 10.01
C ALA B 342 -12.01 2.62 9.59
N ALA B 343 -11.41 2.61 8.41
CA ALA B 343 -10.66 3.77 7.93
C ALA B 343 -11.57 5.00 7.71
N GLU B 344 -12.88 4.79 7.63
CA GLU B 344 -13.79 5.89 7.38
C GLU B 344 -13.72 6.94 8.51
N THR B 345 -13.27 6.53 9.69
CA THR B 345 -13.21 7.44 10.84
C THR B 345 -11.94 8.30 10.94
N ILE B 346 -10.90 7.98 10.17
CA ILE B 346 -9.69 8.79 10.18
C ILE B 346 -9.94 10.22 9.67
N LYS B 347 -10.00 11.20 10.57
CA LYS B 347 -10.12 12.60 10.12
C LYS B 347 -8.79 13.34 10.19
C ACT C . -6.82 6.10 -16.24
O ACT C . -7.05 5.89 -17.46
OXT ACT C . -6.70 7.30 -15.81
CH3 ACT C . -6.71 4.94 -15.31
H1 ACT C . -6.54 5.29 -14.29
H2 ACT C . -5.88 4.30 -15.61
H3 ACT C . -7.64 4.36 -15.34
C ACT D . 5.35 -23.70 23.69
O ACT D . 4.46 -22.83 23.53
OXT ACT D . 5.56 -24.47 22.71
CH3 ACT D . 6.09 -23.82 25.00
H1 ACT D . 6.79 -24.65 24.94
H2 ACT D . 5.37 -24.00 25.79
H3 ACT D . 6.63 -22.89 25.20
N HYP E . 4.79 -6.37 14.14
CA HYP E . 5.06 -5.87 15.44
C HYP E . 5.93 -6.71 16.28
O HYP E . 5.99 -6.51 17.53
CB HYP E . 3.77 -5.38 15.99
CG HYP E . 3.45 -4.54 14.79
CD HYP E . 3.86 -5.35 13.61
OD1 HYP E . 4.25 -3.42 14.82
OXT HYP E . 6.68 -7.53 15.69
#